data_3P27
#
_entry.id   3P27
#
_cell.length_a   109.964
_cell.length_b   109.964
_cell.length_c   188.199
_cell.angle_alpha   90.00
_cell.angle_beta   90.00
_cell.angle_gamma   90.00
#
_symmetry.space_group_name_H-M   'P 42 21 2'
#
loop_
_entity.id
_entity.type
_entity.pdbx_description
1 polymer 'Elongation factor 1 alpha-like protein'
2 non-polymer "GUANOSINE-5'-DIPHOSPHATE"
3 water water
#
_entity_poly.entity_id   1
_entity_poly.type   'polypeptide(L)'
_entity_poly.pdbx_seq_one_letter_code
;DEKTVQRYYKTTVPTKPKKPHDISAFVKSALPHLSFVVLGHVDAGKSTL(MSE)GRLLYDLNIVNQSQLRKLQRESET
(MSE)GKSSFKFAWI(MSE)DQTNEERERGVTVSICTSHFSTHRANFTIVDAPGHRDFVPNAI(MSE)GISQAD(MSE)A
ILCVDCSTNAFESGFDLDGQTKEH(MSE)LLASSLGIHNLIIA(MSE)NK(MSE)DNVDWSQQRFEEIKSKLLPYLVDIG
FFEDNINWVPISGFSGEGVYKIEYTDEVRQWYNGPNL(MSE)STLENAAFKISKENEGINKDDPFLFSVLEIIPSKKTSN
DLALVSGKLESGSIQPGESLTIYPSEQSCIVDKIQVGSQQGQSTNHEETDVAIKGDFVTLKLRKAYPEDIQNGDLAASVD
YSSIHSAQCFVLELTTFD(MSE)NRPLLPGTPFILFIGVKEQPARIKRLISFIDKGNTASKKKIRHLGSKQRAFVEIELI
EVKRWIPLLTAHENDRLGRVVLRKDGRTIAAGKISEITQHHHHHH
;
_entity_poly.pdbx_strand_id   A,B
#
loop_
_chem_comp.id
_chem_comp.type
_chem_comp.name
_chem_comp.formula
GDP RNA linking GUANOSINE-5'-DIPHOSPHATE 'C10 H15 N5 O11 P2'
#
# COMPACT_ATOMS: atom_id res chain seq x y z
N VAL A 5 6.66 -23.44 -29.74
CA VAL A 5 5.27 -23.09 -29.47
C VAL A 5 4.73 -23.76 -28.20
N GLN A 6 4.72 -25.09 -28.16
CA GLN A 6 4.27 -25.76 -26.95
C GLN A 6 5.18 -25.38 -25.80
N ARG A 7 6.46 -25.15 -26.11
CA ARG A 7 7.43 -24.67 -25.14
C ARG A 7 8.60 -23.96 -25.81
N TYR A 8 8.94 -22.80 -25.29
CA TYR A 8 10.16 -22.11 -25.71
C TYR A 8 11.27 -22.39 -24.72
N TYR A 9 12.49 -22.49 -25.23
CA TYR A 9 13.64 -22.69 -24.37
C TYR A 9 13.66 -21.60 -23.34
N LYS A 10 13.78 -21.96 -22.07
CA LYS A 10 13.74 -20.96 -21.01
C LYS A 10 14.67 -21.33 -19.86
N THR A 11 15.44 -20.36 -19.41
CA THR A 11 16.42 -20.60 -18.38
C THR A 11 16.27 -19.59 -17.29
N THR A 12 16.92 -19.86 -16.15
CA THR A 12 16.88 -18.97 -15.00
C THR A 12 18.29 -18.92 -14.45
N VAL A 13 19.25 -19.24 -15.31
CA VAL A 13 20.66 -19.21 -14.95
C VAL A 13 21.40 -18.28 -15.91
N PRO A 14 21.77 -17.11 -15.40
CA PRO A 14 22.43 -16.04 -16.14
C PRO A 14 23.63 -16.51 -16.92
N THR A 15 23.65 -16.17 -18.20
CA THR A 15 24.83 -16.30 -19.01
C THR A 15 25.67 -15.07 -18.73
N LYS A 16 27.00 -15.21 -18.83
CA LYS A 16 27.89 -14.07 -18.65
C LYS A 16 28.15 -13.30 -19.96
N PRO A 17 28.51 -12.01 -19.84
CA PRO A 17 28.83 -11.12 -20.95
C PRO A 17 30.13 -11.49 -21.69
N LYS A 18 30.13 -11.37 -23.02
CA LYS A 18 31.36 -11.54 -23.79
C LYS A 18 32.53 -10.74 -23.22
N LYS A 19 32.29 -9.49 -22.81
CA LYS A 19 33.37 -8.60 -22.38
C LYS A 19 32.95 -7.86 -21.12
N PRO A 20 32.89 -8.54 -19.98
CA PRO A 20 32.30 -7.96 -18.77
C PRO A 20 32.72 -6.49 -18.53
N HIS A 21 31.78 -5.63 -18.11
CA HIS A 21 32.08 -4.23 -17.82
C HIS A 21 31.68 -3.85 -16.41
N ASP A 22 32.31 -2.80 -15.90
CA ASP A 22 31.95 -2.27 -14.57
C ASP A 22 30.81 -1.31 -14.78
N ILE A 23 29.62 -1.72 -14.38
CA ILE A 23 28.43 -0.92 -14.64
C ILE A 23 28.59 0.48 -14.08
N SER A 24 28.91 0.55 -12.78
CA SER A 24 29.03 1.82 -12.07
C SER A 24 30.00 2.69 -12.81
N ALA A 25 31.17 2.14 -13.07
CA ALA A 25 32.10 2.76 -13.99
C ALA A 25 31.38 3.30 -15.22
N PHE A 26 30.78 2.41 -16.01
CA PHE A 26 30.24 2.81 -17.32
C PHE A 26 29.23 3.92 -17.21
N VAL A 27 28.47 3.94 -16.11
CA VAL A 27 27.47 4.98 -15.91
C VAL A 27 28.14 6.33 -15.75
N LYS A 28 29.11 6.38 -14.85
CA LYS A 28 29.80 7.62 -14.56
C LYS A 28 30.41 8.15 -15.85
N SER A 29 31.34 7.38 -16.38
CA SER A 29 31.93 7.67 -17.67
C SER A 29 30.91 8.16 -18.73
N ALA A 30 29.67 7.69 -18.65
CA ALA A 30 28.69 8.00 -19.69
C ALA A 30 27.92 9.29 -19.53
N LEU A 31 27.46 9.80 -20.66
CA LEU A 31 26.59 10.96 -20.69
C LEU A 31 25.24 10.64 -20.09
N PRO A 32 24.66 11.62 -19.42
CA PRO A 32 23.29 11.54 -18.90
C PRO A 32 22.30 11.42 -20.03
N HIS A 33 21.12 10.89 -19.76
CA HIS A 33 20.12 10.82 -20.79
C HIS A 33 18.74 11.06 -20.23
N LEU A 34 17.92 11.76 -20.98
CA LEU A 34 16.56 12.03 -20.55
C LEU A 34 15.61 11.83 -21.70
N SER A 35 14.48 11.18 -21.45
CA SER A 35 13.41 11.09 -22.44
C SER A 35 12.25 11.89 -21.92
N PHE A 36 11.52 12.55 -22.81
CA PHE A 36 10.42 13.38 -22.38
C PHE A 36 9.34 13.43 -23.44
N VAL A 37 8.14 13.80 -23.02
CA VAL A 37 7.01 13.84 -23.90
C VAL A 37 6.52 15.27 -23.79
N VAL A 38 5.95 15.80 -24.87
CA VAL A 38 5.59 17.21 -24.92
C VAL A 38 4.09 17.36 -24.94
N LEU A 39 3.49 17.68 -23.80
CA LEU A 39 2.03 17.74 -23.68
C LEU A 39 1.55 19.17 -23.76
N GLY A 40 0.25 19.39 -23.61
CA GLY A 40 -0.33 20.73 -23.70
C GLY A 40 -1.59 20.81 -24.56
N HIS A 41 -2.30 21.93 -24.46
CA HIS A 41 -3.55 22.11 -25.20
C HIS A 41 -3.32 22.12 -26.71
N VAL A 42 -4.40 22.18 -27.48
CA VAL A 42 -4.30 22.12 -28.93
C VAL A 42 -3.56 23.33 -29.53
N ASP A 43 -3.76 24.52 -28.97
CA ASP A 43 -3.10 25.70 -29.51
C ASP A 43 -2.20 26.38 -28.48
N ALA A 44 -1.11 25.71 -28.14
CA ALA A 44 -0.27 26.17 -27.06
C ALA A 44 1.17 26.35 -27.50
N GLY A 45 1.47 25.88 -28.71
CA GLY A 45 2.80 26.06 -29.26
C GLY A 45 3.65 24.81 -29.28
N LYS A 46 3.04 23.66 -29.03
CA LYS A 46 3.77 22.40 -28.97
C LYS A 46 4.71 22.18 -30.16
N SER A 47 4.19 22.37 -31.36
CA SER A 47 4.99 22.09 -32.53
C SER A 47 5.93 23.22 -32.91
N THR A 48 5.47 24.47 -32.80
CA THR A 48 6.38 25.57 -33.10
C THR A 48 7.53 25.51 -32.10
N LEU A 49 7.21 25.19 -30.86
CA LEU A 49 8.24 24.96 -29.85
C LEU A 49 9.18 23.83 -30.23
N MSE A 50 8.62 22.71 -30.67
CA MSE A 50 9.43 21.56 -31.10
C MSE A 50 10.33 21.94 -32.27
O MSE A 50 11.54 21.61 -32.28
CB MSE A 50 8.53 20.35 -31.47
CG MSE A 50 8.32 19.33 -30.34
SE MSE A 50 10.03 18.76 -29.56
CE MSE A 50 10.30 20.12 -28.15
N GLY A 51 9.74 22.61 -33.24
CA GLY A 51 10.46 23.07 -34.42
C GLY A 51 11.66 23.87 -33.98
N ARG A 52 11.37 24.98 -33.31
CA ARG A 52 12.38 25.88 -32.79
C ARG A 52 13.52 25.10 -32.15
N LEU A 53 13.14 24.14 -31.32
CA LEU A 53 14.12 23.32 -30.62
C LEU A 53 15.04 22.61 -31.58
N LEU A 54 14.46 21.76 -32.42
CA LEU A 54 15.25 21.02 -33.40
C LEU A 54 16.14 21.95 -34.25
N TYR A 55 15.57 23.10 -34.63
CA TYR A 55 16.29 24.11 -35.39
C TYR A 55 17.55 24.57 -34.68
N ASP A 56 17.43 24.87 -33.39
CA ASP A 56 18.61 25.30 -32.64
C ASP A 56 19.59 24.16 -32.63
N LEU A 57 19.06 22.97 -32.87
CA LEU A 57 19.86 21.74 -32.87
C LEU A 57 20.44 21.46 -34.26
N ASN A 58 20.18 22.37 -35.19
CA ASN A 58 20.59 22.21 -36.57
C ASN A 58 20.05 20.90 -37.18
N ILE A 59 18.85 20.50 -36.73
CA ILE A 59 18.17 19.31 -37.22
C ILE A 59 17.07 19.75 -38.17
N VAL A 60 16.63 20.98 -38.01
CA VAL A 60 15.63 21.54 -38.89
C VAL A 60 16.24 22.71 -39.63
N ASN A 61 15.81 22.86 -40.87
CA ASN A 61 16.34 23.84 -41.80
C ASN A 61 15.81 25.21 -41.46
N GLN A 62 16.43 26.24 -41.98
CA GLN A 62 15.90 27.58 -41.75
C GLN A 62 14.59 27.78 -42.47
N SER A 63 14.33 26.97 -43.50
CA SER A 63 13.10 27.10 -44.27
C SER A 63 12.12 26.06 -43.77
N GLN A 64 12.65 24.92 -43.35
CA GLN A 64 11.78 23.93 -42.75
C GLN A 64 11.00 24.64 -41.63
N LEU A 65 11.65 25.64 -41.02
CA LEU A 65 11.08 26.35 -39.88
C LEU A 65 10.09 27.43 -40.29
N ARG A 66 10.31 28.05 -41.45
CA ARG A 66 9.40 29.09 -41.93
C ARG A 66 8.11 28.45 -42.42
N LYS A 67 8.22 27.24 -42.96
CA LYS A 67 7.05 26.46 -43.36
C LYS A 67 6.19 26.19 -42.13
N LEU A 68 6.77 25.52 -41.13
CA LEU A 68 6.07 25.27 -39.88
C LEU A 68 5.34 26.50 -39.33
N GLN A 69 5.79 27.69 -39.73
CA GLN A 69 5.20 28.92 -39.22
C GLN A 69 4.08 29.47 -40.11
N ARG A 70 2.89 28.87 -39.97
CA ARG A 70 1.69 29.29 -40.70
C ARG A 70 0.42 29.07 -39.86
N TRP A 84 4.06 15.79 -38.96
CA TRP A 84 5.18 16.15 -39.82
C TRP A 84 6.47 16.14 -39.03
N ILE A 85 6.61 17.14 -38.17
CA ILE A 85 7.84 17.39 -37.45
C ILE A 85 8.44 16.13 -36.82
N MSE A 86 7.60 15.26 -36.29
CA MSE A 86 8.07 14.00 -35.72
C MSE A 86 8.70 13.14 -36.81
O MSE A 86 9.77 12.58 -36.62
CB MSE A 86 6.93 13.25 -35.03
CG MSE A 86 6.66 13.68 -33.59
SE MSE A 86 8.24 13.56 -32.42
CE MSE A 86 8.46 11.63 -32.28
N ASP A 87 8.01 13.07 -37.94
CA ASP A 87 8.45 12.25 -39.09
C ASP A 87 9.82 12.70 -39.60
N GLN A 88 9.98 14.02 -39.67
CA GLN A 88 11.17 14.66 -40.21
C GLN A 88 12.48 14.23 -39.52
N THR A 89 12.46 14.19 -38.18
CA THR A 89 13.65 13.97 -37.38
C THR A 89 14.15 12.51 -37.46
N VAL A 97 6.15 -3.88 -37.95
CA VAL A 97 4.80 -3.87 -38.53
C VAL A 97 3.96 -2.77 -37.89
N THR A 98 3.51 -2.99 -36.66
CA THR A 98 2.83 -1.92 -35.92
C THR A 98 3.86 -1.08 -35.12
N VAL A 99 3.74 0.23 -35.24
CA VAL A 99 4.61 1.15 -34.52
C VAL A 99 3.88 1.56 -33.27
N SER A 100 4.56 1.51 -32.14
CA SER A 100 3.87 1.83 -30.91
C SER A 100 4.08 3.28 -30.58
N ILE A 101 5.33 3.70 -30.57
CA ILE A 101 5.63 5.09 -30.30
C ILE A 101 6.72 5.55 -31.23
N CYS A 102 6.75 6.85 -31.48
CA CYS A 102 7.80 7.44 -32.28
C CYS A 102 8.84 8.00 -31.33
N THR A 103 10.10 7.83 -31.68
CA THR A 103 11.12 8.52 -30.91
C THR A 103 12.00 9.38 -31.83
N SER A 104 12.50 10.49 -31.30
CA SER A 104 13.47 11.29 -32.01
C SER A 104 14.65 11.56 -31.07
N HIS A 105 15.84 11.14 -31.44
CA HIS A 105 16.94 11.31 -30.52
C HIS A 105 17.77 12.55 -30.83
N PHE A 106 18.35 13.16 -29.80
CA PHE A 106 19.22 14.29 -30.03
C PHE A 106 20.17 14.54 -28.88
N SER A 107 21.06 15.49 -29.08
CA SER A 107 22.20 15.56 -28.19
C SER A 107 22.69 16.99 -28.09
N THR A 108 23.30 17.34 -26.95
CA THR A 108 24.05 18.57 -26.80
C THR A 108 25.39 18.10 -26.31
N HIS A 109 26.30 19.01 -25.98
CA HIS A 109 27.57 18.54 -25.48
C HIS A 109 27.42 17.98 -24.06
N ARG A 110 26.31 18.29 -23.38
CA ARG A 110 26.15 17.92 -21.97
C ARG A 110 25.29 16.67 -21.77
N ALA A 111 24.35 16.44 -22.66
CA ALA A 111 23.39 15.39 -22.38
C ALA A 111 22.75 14.83 -23.65
N ASN A 112 22.21 13.63 -23.53
CA ASN A 112 21.44 12.99 -24.59
C ASN A 112 19.97 12.92 -24.23
N PHE A 113 19.13 13.08 -25.24
CA PHE A 113 17.71 13.20 -25.02
C PHE A 113 16.99 12.33 -26.03
N THR A 114 15.72 12.11 -25.76
CA THR A 114 14.87 11.30 -26.60
C THR A 114 13.46 11.84 -26.52
N ILE A 115 12.99 12.51 -27.56
CA ILE A 115 11.62 13.00 -27.59
C ILE A 115 10.75 11.78 -27.82
N VAL A 116 9.66 11.70 -27.08
CA VAL A 116 8.72 10.60 -27.21
C VAL A 116 7.38 11.14 -27.63
N ASP A 117 6.72 10.42 -28.53
CA ASP A 117 5.41 10.82 -29.02
C ASP A 117 4.74 9.57 -29.55
N ALA A 118 3.42 9.50 -29.42
CA ALA A 118 2.70 8.44 -30.09
C ALA A 118 2.53 8.85 -31.55
N PRO A 119 2.14 7.91 -32.41
CA PRO A 119 1.68 8.33 -33.74
C PRO A 119 0.16 8.46 -33.73
N GLY A 120 -0.43 9.01 -34.78
CA GLY A 120 -1.87 9.15 -34.85
C GLY A 120 -2.32 10.45 -34.24
N VAL A 125 -6.45 10.66 -26.69
CA VAL A 125 -5.99 10.26 -25.37
C VAL A 125 -5.21 8.94 -25.34
N PRO A 126 -5.77 7.87 -25.91
CA PRO A 126 -5.01 6.62 -25.97
C PRO A 126 -3.60 6.83 -26.50
N ASN A 127 -3.44 7.79 -27.41
CA ASN A 127 -2.11 8.06 -27.96
C ASN A 127 -1.24 8.84 -26.96
N ALA A 128 -1.85 9.74 -26.21
CA ALA A 128 -1.10 10.42 -25.16
C ALA A 128 -0.59 9.44 -24.10
N ILE A 129 -1.45 8.49 -23.74
CA ILE A 129 -1.06 7.47 -22.76
C ILE A 129 0.22 6.74 -23.19
N MSE A 130 0.31 6.36 -24.46
CA MSE A 130 1.48 5.65 -24.93
C MSE A 130 2.71 6.51 -24.73
O MSE A 130 3.72 6.05 -24.19
CB MSE A 130 1.33 5.30 -26.41
CG MSE A 130 0.05 4.59 -26.74
SE MSE A 130 0.17 3.58 -28.36
CE MSE A 130 -1.33 2.34 -28.06
N GLY A 131 2.63 7.77 -25.17
CA GLY A 131 3.78 8.63 -25.06
C GLY A 131 4.19 8.75 -23.61
N ILE A 132 3.22 9.11 -22.78
CA ILE A 132 3.47 9.38 -21.38
C ILE A 132 4.16 8.17 -20.74
N SER A 133 3.64 6.98 -21.03
CA SER A 133 4.15 5.77 -20.40
C SER A 133 5.63 5.49 -20.65
N GLN A 134 6.17 5.89 -21.79
CA GLN A 134 7.58 5.61 -22.05
C GLN A 134 8.53 6.78 -21.75
N ALA A 135 7.98 7.94 -21.43
CA ALA A 135 8.78 9.14 -21.21
C ALA A 135 9.16 9.25 -19.76
N ASP A 136 10.38 9.68 -19.48
CA ASP A 136 10.80 9.91 -18.10
C ASP A 136 9.95 11.02 -17.49
N MSE A 137 9.91 12.20 -18.11
CA MSE A 137 9.15 13.32 -17.58
C MSE A 137 8.37 14.01 -18.68
O MSE A 137 8.48 13.67 -19.85
CB MSE A 137 10.09 14.33 -16.98
CG MSE A 137 10.81 15.10 -18.05
SE MSE A 137 12.13 16.26 -17.27
CE MSE A 137 10.98 17.49 -16.30
N ALA A 138 7.59 15.01 -18.30
CA ALA A 138 6.80 15.76 -19.28
C ALA A 138 7.11 17.26 -19.32
N ILE A 139 7.06 17.82 -20.53
CA ILE A 139 7.11 19.25 -20.69
C ILE A 139 5.67 19.64 -20.97
N LEU A 140 5.11 20.44 -20.09
CA LEU A 140 3.76 20.90 -20.31
C LEU A 140 3.84 22.30 -20.90
N CYS A 141 3.36 22.44 -22.12
CA CYS A 141 3.44 23.65 -22.89
C CYS A 141 2.14 24.44 -22.70
N VAL A 142 2.23 25.64 -22.12
CA VAL A 142 1.03 26.45 -21.85
C VAL A 142 0.98 27.78 -22.60
N ASP A 143 -0.18 28.11 -23.17
CA ASP A 143 -0.36 29.38 -23.86
C ASP A 143 -0.66 30.49 -22.87
N CYS A 144 0.27 31.44 -22.75
CA CYS A 144 0.10 32.55 -21.81
C CYS A 144 -0.73 33.73 -22.32
N SER A 145 -1.01 33.75 -23.63
CA SER A 145 -1.77 34.83 -24.25
C SER A 145 -3.10 35.02 -23.54
N THR A 146 -3.72 36.17 -23.77
CA THR A 146 -4.92 36.55 -23.03
C THR A 146 -6.22 36.22 -23.77
N PHE A 153 -6.73 33.40 -16.64
CA PHE A 153 -6.36 32.18 -17.36
C PHE A 153 -7.39 31.04 -17.20
N ASP A 154 -7.67 30.35 -18.32
CA ASP A 154 -8.66 29.28 -18.38
C ASP A 154 -8.00 27.91 -18.32
N LEU A 155 -7.84 27.39 -17.10
CA LEU A 155 -7.32 26.05 -16.89
C LEU A 155 -8.29 25.07 -17.54
N ASP A 156 -7.90 24.59 -18.71
CA ASP A 156 -8.86 23.99 -19.63
C ASP A 156 -8.86 22.46 -19.67
N GLY A 157 -9.80 21.94 -20.46
CA GLY A 157 -10.08 20.53 -20.54
C GLY A 157 -8.93 19.59 -20.81
N GLN A 158 -8.20 19.79 -21.91
CA GLN A 158 -7.22 18.78 -22.31
C GLN A 158 -5.86 19.05 -21.69
N THR A 159 -5.68 20.24 -21.15
CA THR A 159 -4.50 20.48 -20.36
C THR A 159 -4.59 19.59 -19.12
N LYS A 160 -5.68 19.75 -18.37
CA LYS A 160 -5.90 18.98 -17.14
C LYS A 160 -5.87 17.47 -17.38
N GLU A 161 -6.55 17.02 -18.43
CA GLU A 161 -6.48 15.63 -18.85
C GLU A 161 -5.04 15.14 -18.83
N HIS A 162 -4.18 15.84 -19.55
CA HIS A 162 -2.79 15.38 -19.76
C HIS A 162 -2.02 15.33 -18.46
N MSE A 163 -2.14 16.37 -17.66
CA MSE A 163 -1.47 16.34 -16.38
C MSE A 163 -2.00 15.22 -15.50
O MSE A 163 -1.27 14.68 -14.67
CB MSE A 163 -1.58 17.69 -15.67
CG MSE A 163 -0.76 18.74 -16.38
SE MSE A 163 1.04 18.05 -16.80
CE MSE A 163 1.91 18.73 -15.26
N LEU A 164 -3.25 14.86 -15.70
CA LEU A 164 -3.87 13.83 -14.90
C LEU A 164 -3.31 12.47 -15.29
N LEU A 165 -3.23 12.25 -16.60
CA LEU A 165 -2.56 11.08 -17.17
C LEU A 165 -1.07 11.02 -16.82
N ALA A 166 -0.42 12.17 -16.80
CA ALA A 166 0.99 12.22 -16.53
C ALA A 166 1.27 11.63 -15.16
N SER A 167 0.53 12.06 -14.14
CA SER A 167 0.85 11.61 -12.79
C SER A 167 0.23 10.25 -12.52
N SER A 168 -0.96 10.00 -13.07
CA SER A 168 -1.52 8.65 -12.98
C SER A 168 -0.50 7.62 -13.47
N LEU A 169 0.19 7.95 -14.56
CA LEU A 169 1.10 7.01 -15.22
C LEU A 169 2.53 6.96 -14.66
N GLY A 170 2.87 7.79 -13.69
CA GLY A 170 4.11 7.60 -12.96
C GLY A 170 5.14 8.70 -13.13
N ILE A 171 4.73 9.77 -13.78
CA ILE A 171 5.61 10.89 -14.06
C ILE A 171 5.62 11.83 -12.86
N HIS A 172 6.81 12.09 -12.32
CA HIS A 172 6.94 12.89 -11.09
C HIS A 172 7.46 14.27 -11.39
N ASN A 173 8.24 14.37 -12.47
CA ASN A 173 8.91 15.60 -12.84
C ASN A 173 8.26 16.35 -13.99
N LEU A 174 8.04 17.65 -13.80
CA LEU A 174 7.52 18.49 -14.88
C LEU A 174 8.37 19.70 -15.19
N ILE A 175 8.28 20.15 -16.43
CA ILE A 175 8.77 21.44 -16.84
C ILE A 175 7.58 22.06 -17.49
N ILE A 176 7.05 23.12 -16.88
CA ILE A 176 5.95 23.86 -17.46
C ILE A 176 6.61 24.90 -18.31
N ALA A 177 6.51 24.75 -19.62
CA ALA A 177 7.03 25.75 -20.54
C ALA A 177 5.99 26.84 -20.75
N MSE A 178 6.02 27.85 -19.87
CA MSE A 178 5.12 28.99 -19.96
C MSE A 178 5.39 29.70 -21.26
O MSE A 178 6.45 30.27 -21.47
CB MSE A 178 5.38 29.93 -18.80
CG MSE A 178 5.24 29.30 -17.45
SE MSE A 178 3.38 29.01 -17.02
CE MSE A 178 2.75 30.84 -17.13
N ASN A 179 4.42 29.65 -22.16
CA ASN A 179 4.71 29.92 -23.54
C ASN A 179 4.00 31.15 -24.08
N LYS A 180 4.46 31.63 -25.22
CA LYS A 180 3.81 32.72 -25.92
C LYS A 180 3.91 33.98 -25.09
N MSE A 181 5.07 34.19 -24.49
CA MSE A 181 5.29 35.38 -23.71
C MSE A 181 5.17 36.67 -24.54
O MSE A 181 4.79 37.72 -24.01
CB MSE A 181 6.61 35.30 -22.92
CG MSE A 181 6.57 34.29 -21.75
SE MSE A 181 5.04 34.38 -20.44
CE MSE A 181 5.74 35.68 -19.20
N ASP A 182 5.40 36.65 -25.83
CA ASP A 182 5.22 37.92 -26.48
C ASP A 182 3.81 38.44 -26.32
N ASN A 183 2.78 37.65 -26.46
CA ASN A 183 1.45 38.23 -26.38
C ASN A 183 1.04 38.64 -24.97
N VAL A 184 2.05 38.79 -24.11
CA VAL A 184 1.84 39.39 -22.81
C VAL A 184 3.09 40.20 -22.43
N ASP A 185 3.86 40.56 -23.46
CA ASP A 185 5.10 41.29 -23.28
C ASP A 185 5.85 40.79 -22.06
N TRP A 186 6.22 39.51 -22.08
CA TRP A 186 6.99 38.90 -21.02
C TRP A 186 6.61 39.40 -19.63
N SER A 187 5.31 39.53 -19.38
CA SER A 187 4.80 40.06 -18.12
C SER A 187 4.96 39.12 -16.92
N GLN A 188 5.90 39.44 -16.04
CA GLN A 188 6.08 38.70 -14.80
C GLN A 188 4.78 38.61 -14.02
N GLN A 189 3.91 39.60 -14.25
CA GLN A 189 2.65 39.72 -13.53
C GLN A 189 1.73 38.59 -13.98
N ARG A 190 1.72 38.36 -15.28
CA ARG A 190 0.89 37.33 -15.90
C ARG A 190 1.47 35.94 -15.65
N PHE A 191 2.73 35.74 -16.03
CA PHE A 191 3.49 34.54 -15.68
C PHE A 191 3.12 34.09 -14.28
N GLU A 192 3.40 34.91 -13.28
CA GLU A 192 3.09 34.56 -11.89
C GLU A 192 1.59 34.34 -11.61
N GLU A 193 0.72 34.80 -12.51
CA GLU A 193 -0.72 34.70 -12.28
C GLU A 193 -1.24 33.36 -12.77
N ILE A 194 -0.75 32.97 -13.94
CA ILE A 194 -1.08 31.67 -14.52
C ILE A 194 -0.57 30.61 -13.58
N LYS A 195 0.66 30.78 -13.11
CA LYS A 195 1.28 29.79 -12.23
C LYS A 195 0.46 29.57 -10.96
N SER A 196 0.03 30.64 -10.32
CA SER A 196 -0.73 30.54 -9.09
C SER A 196 -2.05 29.79 -9.29
N LYS A 197 -2.55 29.74 -10.52
CA LYS A 197 -3.72 28.90 -10.81
C LYS A 197 -3.31 27.44 -10.99
N LEU A 198 -2.38 27.22 -11.90
CA LEU A 198 -1.93 25.90 -12.30
C LEU A 198 -1.23 25.10 -11.21
N LEU A 199 -0.27 25.72 -10.55
CA LEU A 199 0.50 25.05 -9.50
C LEU A 199 -0.35 24.25 -8.53
N PRO A 200 -1.37 24.89 -7.91
CA PRO A 200 -2.24 24.22 -6.93
C PRO A 200 -2.95 23.03 -7.54
N TYR A 201 -3.35 23.16 -8.81
CA TYR A 201 -4.02 22.07 -9.48
C TYR A 201 -3.08 20.89 -9.60
N LEU A 202 -1.87 21.18 -10.07
CA LEU A 202 -0.88 20.16 -10.29
C LEU A 202 -0.63 19.47 -8.97
N VAL A 203 -0.57 20.22 -7.88
CA VAL A 203 -0.30 19.60 -6.59
C VAL A 203 -1.44 18.68 -6.12
N ASP A 204 -2.67 19.16 -6.27
CA ASP A 204 -3.83 18.38 -5.87
C ASP A 204 -3.80 17.03 -6.58
N ILE A 205 -3.61 17.13 -7.90
CA ILE A 205 -3.61 16.01 -8.83
C ILE A 205 -2.55 14.97 -8.47
N GLY A 206 -1.53 15.38 -7.71
CA GLY A 206 -0.56 14.42 -7.22
C GLY A 206 0.91 14.80 -7.33
N PHE A 207 1.18 16.03 -7.72
CA PHE A 207 2.58 16.41 -7.92
C PHE A 207 3.19 17.06 -6.66
N PHE A 208 4.48 17.32 -6.72
CA PHE A 208 5.17 18.08 -5.70
C PHE A 208 5.87 19.30 -6.30
N GLU A 209 5.75 20.43 -5.60
CA GLU A 209 6.19 21.70 -6.13
C GLU A 209 7.66 21.76 -6.60
N ASP A 210 8.53 20.95 -5.99
CA ASP A 210 9.97 20.98 -6.30
C ASP A 210 10.32 20.13 -7.53
N ASN A 211 9.36 19.34 -7.99
CA ASN A 211 9.54 18.55 -9.18
C ASN A 211 8.96 19.30 -10.37
N ILE A 212 8.42 20.48 -10.10
CA ILE A 212 7.89 21.29 -11.17
C ILE A 212 8.85 22.43 -11.37
N ASN A 213 9.22 22.66 -12.63
CA ASN A 213 10.06 23.79 -13.03
C ASN A 213 9.29 24.69 -13.97
N TRP A 214 9.39 26.00 -13.79
CA TRP A 214 8.61 26.95 -14.58
C TRP A 214 9.51 27.80 -15.45
N VAL A 215 9.34 27.69 -16.77
CA VAL A 215 10.21 28.37 -17.73
C VAL A 215 9.44 29.23 -18.75
N PRO A 216 9.75 30.53 -18.79
CA PRO A 216 9.09 31.43 -19.73
C PRO A 216 9.79 31.30 -21.08
N ILE A 217 9.03 31.14 -22.16
CA ILE A 217 9.63 31.01 -23.47
C ILE A 217 8.72 31.56 -24.55
N SER A 218 9.30 31.81 -25.71
CA SER A 218 8.52 32.07 -26.89
C SER A 218 8.94 31.11 -28.00
N GLY A 219 8.09 30.14 -28.30
CA GLY A 219 8.37 29.21 -29.37
C GLY A 219 8.66 29.94 -30.65
N PHE A 220 8.01 31.10 -30.82
CA PHE A 220 8.15 31.86 -32.06
C PHE A 220 9.47 32.63 -32.17
N SER A 221 9.75 33.51 -31.21
CA SER A 221 11.04 34.19 -31.18
C SER A 221 12.18 33.24 -30.83
N GLY A 222 11.86 32.10 -30.23
CA GLY A 222 12.89 31.17 -29.79
C GLY A 222 13.56 31.63 -28.52
N GLU A 223 13.02 32.67 -27.93
CA GLU A 223 13.59 33.22 -26.72
C GLU A 223 13.40 32.25 -25.59
N GLY A 224 14.52 31.84 -24.99
CA GLY A 224 14.51 31.02 -23.79
C GLY A 224 14.48 29.52 -24.06
N VAL A 225 14.35 29.16 -25.34
CA VAL A 225 14.30 27.76 -25.72
C VAL A 225 15.68 27.11 -25.65
N TYR A 226 16.58 27.50 -26.53
CA TYR A 226 17.95 26.97 -26.47
C TYR A 226 19.01 28.01 -26.81
N LYS A 227 19.09 28.38 -28.08
CA LYS A 227 20.25 29.11 -28.57
C LYS A 227 20.05 30.61 -28.67
N ILE A 228 18.81 31.07 -28.63
CA ILE A 228 18.52 32.51 -28.49
C ILE A 228 18.24 32.89 -27.02
N GLU A 229 19.14 33.70 -26.46
CA GLU A 229 19.16 34.03 -25.02
C GLU A 229 18.01 34.91 -24.57
N TYR A 230 17.75 34.89 -23.28
CA TYR A 230 16.72 35.75 -22.73
C TYR A 230 17.08 37.20 -22.93
N THR A 231 16.07 38.01 -23.26
CA THR A 231 16.26 39.42 -23.44
C THR A 231 16.51 40.08 -22.10
N ASP A 232 17.38 41.08 -22.08
CA ASP A 232 17.74 41.79 -20.85
C ASP A 232 16.52 42.26 -20.04
N GLU A 233 15.53 42.83 -20.71
CA GLU A 233 14.26 43.21 -20.07
C GLU A 233 13.70 42.03 -19.30
N VAL A 234 13.78 40.86 -19.91
CA VAL A 234 13.26 39.64 -19.31
C VAL A 234 14.17 39.16 -18.19
N ARG A 235 15.47 39.35 -18.36
CA ARG A 235 16.42 38.90 -17.34
C ARG A 235 16.29 39.62 -15.99
N GLN A 236 15.69 40.81 -16.00
CA GLN A 236 15.56 41.58 -14.76
C GLN A 236 14.45 41.06 -13.84
N TRP A 237 13.67 40.09 -14.33
CA TRP A 237 12.75 39.37 -13.45
C TRP A 237 12.90 37.85 -13.50
N TYR A 238 13.12 37.26 -14.68
CA TYR A 238 13.38 35.83 -14.72
C TYR A 238 14.87 35.50 -14.71
N ASN A 239 15.34 34.93 -13.61
CA ASN A 239 16.78 34.65 -13.47
C ASN A 239 17.18 33.16 -13.46
N GLY A 240 16.20 32.28 -13.62
CA GLY A 240 16.42 30.84 -13.75
C GLY A 240 16.76 30.42 -15.17
N PRO A 241 17.05 29.12 -15.37
CA PRO A 241 17.60 28.55 -16.61
C PRO A 241 16.61 28.52 -17.77
N ASN A 242 17.10 28.31 -18.99
CA ASN A 242 16.17 28.22 -20.11
C ASN A 242 15.75 26.78 -20.36
N LEU A 243 14.74 26.63 -21.22
CA LEU A 243 14.23 25.32 -21.56
C LEU A 243 15.33 24.27 -21.64
N MSE A 244 16.24 24.43 -22.59
CA MSE A 244 17.25 23.41 -22.81
C MSE A 244 18.03 23.15 -21.55
O MSE A 244 18.17 22.01 -21.14
CB MSE A 244 18.19 23.80 -23.98
CG MSE A 244 19.20 22.70 -24.36
SE MSE A 244 18.46 20.99 -25.04
CE MSE A 244 16.90 21.65 -25.99
N SER A 245 18.55 24.18 -20.91
CA SER A 245 19.37 23.95 -19.74
C SER A 245 18.56 23.18 -18.73
N THR A 246 17.35 23.67 -18.44
CA THR A 246 16.44 22.95 -17.56
C THR A 246 16.38 21.46 -17.91
N LEU A 247 16.30 21.14 -19.20
CA LEU A 247 16.27 19.74 -19.65
C LEU A 247 17.52 19.01 -19.24
N GLU A 248 18.67 19.62 -19.51
CA GLU A 248 19.95 19.04 -19.20
C GLU A 248 20.00 18.80 -17.71
N ASN A 249 19.43 19.73 -16.95
CA ASN A 249 19.47 19.59 -15.50
C ASN A 249 18.74 18.33 -15.11
N ALA A 250 17.53 18.17 -15.65
CA ALA A 250 16.74 16.96 -15.42
C ALA A 250 17.58 15.72 -15.64
N ALA A 251 18.16 15.64 -16.82
CA ALA A 251 19.02 14.53 -17.23
C ALA A 251 20.06 14.19 -16.18
N PHE A 252 20.82 15.19 -15.75
CA PHE A 252 21.83 14.95 -14.74
C PHE A 252 21.25 14.35 -13.47
N LYS A 253 20.21 14.98 -12.94
CA LYS A 253 19.43 14.42 -11.83
C LYS A 253 19.22 12.92 -12.03
N ILE A 254 18.68 12.54 -13.19
CA ILE A 254 18.43 11.12 -13.49
C ILE A 254 19.74 10.34 -13.47
N SER A 255 20.62 10.66 -14.40
CA SER A 255 21.91 9.95 -14.49
C SER A 255 22.55 9.61 -13.13
N LYS A 256 22.32 10.43 -12.09
CA LYS A 256 22.91 10.17 -10.77
C LYS A 256 22.30 8.96 -10.05
N GLU A 257 20.97 8.91 -10.01
CA GLU A 257 20.28 7.77 -9.43
C GLU A 257 20.83 6.49 -10.04
N ASN A 258 21.01 6.51 -11.36
CA ASN A 258 21.54 5.36 -12.09
C ASN A 258 23.02 5.04 -11.84
N GLU A 259 23.62 5.71 -10.87
CA GLU A 259 25.03 5.47 -10.57
C GLU A 259 25.16 4.24 -9.69
N GLY A 260 24.13 3.99 -8.88
CA GLY A 260 24.10 2.81 -8.05
C GLY A 260 24.08 1.50 -8.81
N ILE A 261 23.37 1.45 -9.92
CA ILE A 261 23.09 0.18 -10.62
C ILE A 261 24.16 -0.90 -10.46
N ASN A 262 23.74 -2.05 -9.92
CA ASN A 262 24.61 -3.21 -9.73
C ASN A 262 24.28 -4.31 -10.71
N LYS A 263 24.91 -5.46 -10.49
CA LYS A 263 24.55 -6.67 -11.23
C LYS A 263 23.48 -7.37 -10.40
N ASP A 264 23.30 -6.86 -9.18
CA ASP A 264 22.28 -7.37 -8.28
C ASP A 264 20.97 -6.66 -8.55
N ASP A 265 20.93 -5.92 -9.65
CA ASP A 265 19.74 -5.17 -10.05
C ASP A 265 19.04 -5.83 -11.25
N PRO A 266 17.75 -6.08 -11.11
CA PRO A 266 17.02 -6.72 -12.20
C PRO A 266 17.19 -5.90 -13.47
N PHE A 267 17.25 -6.57 -14.61
CA PHE A 267 17.08 -5.91 -15.90
C PHE A 267 15.58 -5.94 -16.24
N LEU A 268 15.02 -4.80 -16.64
CA LEU A 268 13.65 -4.72 -17.13
C LEU A 268 13.60 -3.87 -18.38
N PHE A 269 12.77 -4.30 -19.33
CA PHE A 269 12.84 -3.78 -20.68
C PHE A 269 11.47 -3.87 -21.31
N SER A 270 10.95 -2.76 -21.78
CA SER A 270 9.66 -2.81 -22.46
C SER A 270 9.92 -2.99 -23.92
N VAL A 271 9.44 -4.08 -24.49
CA VAL A 271 9.50 -4.26 -25.93
C VAL A 271 8.60 -3.21 -26.58
N LEU A 272 9.22 -2.33 -27.38
CA LEU A 272 8.48 -1.23 -28.00
C LEU A 272 8.29 -1.37 -29.52
N GLU A 273 9.18 -2.11 -30.15
CA GLU A 273 8.96 -2.47 -31.53
C GLU A 273 9.78 -3.69 -31.95
N ILE A 274 9.19 -4.51 -32.81
CA ILE A 274 9.95 -5.62 -33.38
C ILE A 274 10.21 -5.45 -34.88
N ILE A 275 11.48 -5.24 -35.20
CA ILE A 275 11.92 -5.07 -36.59
C ILE A 275 12.18 -6.42 -37.25
N PRO A 276 11.58 -6.61 -38.45
CA PRO A 276 11.52 -7.90 -39.17
C PRO A 276 12.88 -8.47 -39.58
N SER A 277 13.03 -9.78 -39.50
CA SER A 277 14.21 -10.46 -40.06
C SER A 277 13.83 -11.21 -41.35
N LYS A 278 14.83 -11.58 -42.15
CA LYS A 278 14.57 -12.28 -43.41
C LYS A 278 15.29 -13.63 -43.50
N LEU A 284 17.94 -14.50 -35.10
CA LEU A 284 18.58 -13.18 -35.18
C LEU A 284 17.58 -12.03 -35.33
N ALA A 285 16.77 -11.82 -34.30
CA ALA A 285 15.73 -10.80 -34.34
C ALA A 285 16.18 -9.47 -33.73
N LEU A 286 15.54 -8.39 -34.18
CA LEU A 286 15.82 -7.05 -33.68
C LEU A 286 14.68 -6.56 -32.84
N VAL A 287 14.94 -6.37 -31.55
CA VAL A 287 13.93 -5.89 -30.63
C VAL A 287 14.30 -4.51 -30.11
N SER A 288 13.40 -3.56 -30.32
CA SER A 288 13.58 -2.22 -29.76
C SER A 288 12.72 -1.94 -28.52
N GLY A 289 13.31 -1.28 -27.54
CA GLY A 289 12.54 -0.82 -26.40
C GLY A 289 13.31 0.04 -25.42
N LYS A 290 12.69 0.25 -24.26
CA LYS A 290 13.26 1.09 -23.21
C LYS A 290 13.60 0.18 -22.04
N LEU A 291 14.83 0.29 -21.52
CA LEU A 291 15.19 -0.36 -20.25
C LEU A 291 14.54 0.39 -19.11
N GLU A 292 13.81 -0.32 -18.24
CA GLU A 292 13.16 0.36 -17.13
C GLU A 292 13.92 0.09 -15.86
N SER A 293 15.02 -0.66 -15.95
CA SER A 293 15.76 -1.10 -14.76
C SER A 293 17.05 -1.82 -15.10
N GLY A 294 18.08 -1.58 -14.29
CA GLY A 294 19.33 -2.29 -14.45
C GLY A 294 20.08 -2.05 -15.74
N SER A 295 20.69 -3.10 -16.26
CA SER A 295 21.54 -3.00 -17.44
C SER A 295 21.63 -4.32 -18.15
N ILE A 296 22.05 -4.28 -19.40
CA ILE A 296 22.29 -5.48 -20.17
C ILE A 296 23.57 -5.28 -20.99
N GLN A 297 24.41 -6.31 -21.09
CA GLN A 297 25.56 -6.27 -22.00
C GLN A 297 25.49 -7.44 -23.00
N PRO A 298 26.13 -7.30 -24.16
CA PRO A 298 26.08 -8.41 -25.11
C PRO A 298 26.61 -9.65 -24.46
N GLY A 299 25.98 -10.79 -24.73
CA GLY A 299 26.36 -12.03 -24.09
C GLY A 299 25.39 -12.43 -23.01
N GLU A 300 24.92 -11.45 -22.25
CA GLU A 300 23.93 -11.68 -21.20
C GLU A 300 22.61 -12.18 -21.79
N SER A 301 21.76 -12.73 -20.94
CA SER A 301 20.50 -13.30 -21.44
C SER A 301 19.25 -12.63 -20.84
N LEU A 302 18.13 -12.81 -21.51
CA LEU A 302 16.87 -12.25 -21.09
C LEU A 302 15.69 -13.18 -21.41
N THR A 303 14.66 -13.15 -20.59
CA THR A 303 13.42 -13.85 -20.89
C THR A 303 12.34 -12.83 -21.21
N ILE A 304 11.51 -13.12 -22.20
CA ILE A 304 10.45 -12.21 -22.64
C ILE A 304 9.12 -12.76 -22.18
N TYR A 305 8.19 -11.90 -21.79
CA TYR A 305 6.89 -12.37 -21.32
C TYR A 305 5.85 -11.79 -22.25
N PRO A 306 4.73 -12.51 -22.48
CA PRO A 306 4.24 -13.74 -21.83
C PRO A 306 4.73 -15.03 -22.48
N SER A 307 5.44 -14.91 -23.60
CA SER A 307 5.92 -16.08 -24.35
C SER A 307 6.92 -16.92 -23.55
N GLU A 308 7.55 -16.30 -22.57
CA GLU A 308 8.56 -16.94 -21.75
C GLU A 308 9.70 -17.59 -22.54
N GLN A 309 10.17 -16.93 -23.60
CA GLN A 309 11.37 -17.37 -24.28
C GLN A 309 12.64 -16.76 -23.70
N SER A 310 13.72 -17.51 -23.65
CA SER A 310 14.98 -16.97 -23.17
C SER A 310 15.97 -16.78 -24.30
N CYS A 311 16.18 -15.51 -24.68
CA CYS A 311 17.09 -15.21 -25.77
C CYS A 311 18.42 -14.68 -25.29
N ILE A 312 19.39 -14.69 -26.18
CA ILE A 312 20.69 -14.14 -25.86
C ILE A 312 20.87 -12.91 -26.69
N VAL A 313 21.37 -11.85 -26.08
CA VAL A 313 21.56 -10.61 -26.82
C VAL A 313 23.00 -10.57 -27.28
N ASP A 314 23.22 -10.43 -28.58
CA ASP A 314 24.62 -10.39 -29.02
C ASP A 314 25.07 -9.05 -29.60
N LYS A 315 24.12 -8.16 -29.85
CA LYS A 315 24.43 -6.78 -30.15
C LYS A 315 23.40 -5.88 -29.51
N ILE A 316 23.85 -4.76 -28.95
CA ILE A 316 22.96 -3.71 -28.48
C ILE A 316 23.17 -2.49 -29.35
N GLN A 317 22.29 -2.30 -30.32
CA GLN A 317 22.33 -1.12 -31.17
C GLN A 317 21.63 0.04 -30.49
N VAL A 318 22.10 1.24 -30.77
CA VAL A 318 21.60 2.44 -30.13
C VAL A 318 21.84 3.61 -31.05
N GLY A 319 21.45 4.81 -30.61
CA GLY A 319 21.61 6.00 -31.42
C GLY A 319 20.41 6.21 -32.33
N SER A 320 20.32 7.38 -32.95
CA SER A 320 19.21 7.69 -33.84
C SER A 320 19.08 6.67 -34.97
N GLN A 321 20.21 6.04 -35.29
CA GLN A 321 20.29 5.00 -36.33
C GLN A 321 19.46 3.77 -35.93
N GLN A 322 20.05 2.88 -35.11
CA GLN A 322 19.30 1.87 -34.34
C GLN A 322 18.34 1.06 -35.22
N HIS A 328 23.84 1.27 -36.76
CA HIS A 328 25.27 1.00 -36.94
C HIS A 328 26.08 1.28 -35.68
N GLU A 329 25.58 2.15 -34.81
CA GLU A 329 26.28 2.47 -33.56
C GLU A 329 25.89 1.46 -32.49
N GLU A 330 26.89 1.00 -31.74
CA GLU A 330 26.67 -0.04 -30.74
C GLU A 330 27.37 0.29 -29.43
N THR A 331 26.77 -0.13 -28.31
CA THR A 331 27.48 -0.09 -27.04
C THR A 331 27.61 -1.47 -26.45
N ASP A 332 28.41 -1.56 -25.38
CA ASP A 332 28.64 -2.77 -24.66
C ASP A 332 27.83 -2.76 -23.37
N VAL A 333 27.07 -1.69 -23.15
CA VAL A 333 26.27 -1.57 -21.94
C VAL A 333 25.12 -0.62 -22.09
N ALA A 334 23.90 -1.15 -22.14
CA ALA A 334 22.70 -0.34 -22.01
C ALA A 334 22.28 -0.34 -20.53
N ILE A 335 21.86 0.82 -20.02
CA ILE A 335 21.44 0.93 -18.63
C ILE A 335 20.06 1.54 -18.54
N LYS A 336 19.44 1.47 -17.38
CA LYS A 336 18.07 1.92 -17.22
C LYS A 336 17.86 3.26 -17.89
N GLY A 337 16.73 3.40 -18.59
CA GLY A 337 16.40 4.67 -19.20
C GLY A 337 16.73 4.76 -20.69
N ASP A 338 17.82 4.10 -21.08
CA ASP A 338 18.23 3.99 -22.48
C ASP A 338 17.16 3.42 -23.40
N PHE A 339 16.91 4.08 -24.53
CA PHE A 339 16.16 3.45 -25.63
C PHE A 339 17.17 2.75 -26.56
N VAL A 340 16.94 1.47 -26.81
CA VAL A 340 17.92 0.68 -27.56
C VAL A 340 17.24 -0.39 -28.37
N THR A 341 18.05 -1.08 -29.16
CA THR A 341 17.59 -2.19 -29.94
C THR A 341 18.51 -3.34 -29.62
N LEU A 342 17.91 -4.45 -29.24
CA LEU A 342 18.67 -5.63 -28.96
C LEU A 342 18.64 -6.53 -30.19
N LYS A 343 19.81 -7.01 -30.59
CA LYS A 343 19.89 -8.00 -31.64
C LYS A 343 19.98 -9.35 -30.92
N LEU A 344 18.92 -10.14 -31.04
CA LEU A 344 18.76 -11.32 -30.20
C LEU A 344 19.02 -12.64 -30.93
N ARG A 345 19.67 -13.58 -30.26
CA ARG A 345 19.80 -14.96 -30.74
C ARG A 345 18.84 -15.86 -30.00
N LYS A 346 18.22 -16.79 -30.71
CA LYS A 346 17.27 -17.73 -30.12
C LYS A 346 15.91 -17.08 -29.87
N ALA A 347 15.57 -16.11 -30.71
CA ALA A 347 14.34 -15.34 -30.52
C ALA A 347 13.30 -15.76 -31.53
N TYR A 348 12.03 -15.77 -31.13
CA TYR A 348 10.98 -16.20 -32.02
C TYR A 348 9.90 -15.11 -32.13
N PRO A 349 10.14 -14.12 -33.00
CA PRO A 349 9.39 -12.89 -33.23
C PRO A 349 7.87 -13.05 -33.33
N GLU A 350 7.41 -14.22 -33.75
CA GLU A 350 5.98 -14.40 -33.94
C GLU A 350 5.28 -14.24 -32.60
N ASP A 351 5.99 -14.58 -31.54
CA ASP A 351 5.41 -14.62 -30.21
C ASP A 351 5.96 -13.52 -29.30
N ILE A 352 6.53 -12.52 -29.94
CA ILE A 352 6.87 -11.26 -29.29
C ILE A 352 5.93 -10.17 -29.85
N GLN A 353 5.61 -9.21 -29.03
CA GLN A 353 4.70 -8.16 -29.45
C GLN A 353 5.03 -6.90 -28.69
N ASN A 354 4.60 -5.76 -29.22
CA ASN A 354 4.80 -4.50 -28.51
C ASN A 354 4.20 -4.60 -27.11
N GLY A 355 4.88 -4.04 -26.12
CA GLY A 355 4.30 -3.98 -24.79
C GLY A 355 4.61 -5.22 -23.98
N ASP A 356 5.23 -6.20 -24.61
CA ASP A 356 5.80 -7.34 -23.90
C ASP A 356 6.88 -6.85 -22.95
N LEU A 357 7.39 -7.74 -22.11
CA LEU A 357 8.32 -7.36 -21.06
C LEU A 357 9.46 -8.38 -20.95
N ALA A 358 10.68 -7.90 -21.03
CA ALA A 358 11.84 -8.80 -20.91
C ALA A 358 12.52 -8.53 -19.58
N ALA A 359 13.15 -9.55 -19.03
CA ALA A 359 13.76 -9.36 -17.74
C ALA A 359 14.92 -10.28 -17.59
N SER A 360 15.74 -10.02 -16.58
CA SER A 360 16.74 -10.96 -16.14
C SER A 360 16.16 -12.37 -16.08
N VAL A 361 16.99 -13.36 -16.38
CA VAL A 361 16.51 -14.72 -16.37
C VAL A 361 16.19 -15.20 -14.97
N ASP A 362 16.86 -14.63 -13.97
CA ASP A 362 16.62 -14.99 -12.58
C ASP A 362 15.59 -14.10 -11.89
N TYR A 363 14.88 -13.30 -12.66
CA TYR A 363 13.85 -12.44 -12.09
C TYR A 363 12.50 -13.06 -12.29
N SER A 364 11.80 -13.29 -11.19
CA SER A 364 10.56 -14.04 -11.23
C SER A 364 9.36 -13.30 -10.70
N SER A 365 9.18 -12.04 -11.07
CA SER A 365 8.03 -11.25 -10.58
C SER A 365 7.03 -10.82 -11.66
N ILE A 366 7.39 -11.01 -12.91
CA ILE A 366 6.44 -10.72 -13.96
C ILE A 366 5.46 -11.87 -14.07
N HIS A 367 4.16 -11.57 -14.17
CA HIS A 367 3.15 -12.64 -14.20
C HIS A 367 2.03 -12.26 -15.13
N SER A 368 1.30 -13.25 -15.64
CA SER A 368 0.11 -12.94 -16.43
C SER A 368 -1.12 -13.28 -15.59
N ALA A 369 -2.22 -12.58 -15.82
CA ALA A 369 -3.42 -12.83 -15.01
C ALA A 369 -4.76 -12.42 -15.60
N GLN A 370 -5.82 -13.07 -15.13
CA GLN A 370 -7.19 -12.65 -15.39
C GLN A 370 -7.57 -11.61 -14.32
N CYS A 371 -7.18 -11.90 -13.08
CA CYS A 371 -7.57 -11.08 -11.95
C CYS A 371 -6.33 -10.46 -11.31
N PHE A 372 -6.45 -9.22 -10.84
CA PHE A 372 -5.43 -8.62 -10.00
C PHE A 372 -6.05 -7.50 -9.19
N VAL A 373 -5.37 -7.06 -8.14
CA VAL A 373 -5.93 -6.02 -7.32
C VAL A 373 -5.32 -4.68 -7.65
N LEU A 374 -6.19 -3.67 -7.75
CA LEU A 374 -5.75 -2.31 -7.98
C LEU A 374 -5.96 -1.48 -6.74
N GLU A 375 -4.92 -0.77 -6.33
CA GLU A 375 -5.06 0.35 -5.42
C GLU A 375 -5.57 1.52 -6.29
N LEU A 376 -6.88 1.75 -6.26
CA LEU A 376 -7.53 2.56 -7.28
C LEU A 376 -7.89 3.91 -6.74
N THR A 377 -7.55 4.93 -7.50
CA THR A 377 -7.92 6.30 -7.17
C THR A 377 -8.84 6.83 -8.26
N THR A 378 -9.95 7.40 -7.83
CA THR A 378 -11.03 7.67 -8.75
C THR A 378 -11.32 9.17 -8.95
N PHE A 379 -11.56 9.55 -10.19
CA PHE A 379 -11.79 10.95 -10.52
C PHE A 379 -13.29 11.24 -10.55
N ASP A 380 -13.70 12.23 -11.33
CA ASP A 380 -15.13 12.54 -11.47
C ASP A 380 -15.77 11.65 -12.54
N MSE A 381 -16.63 10.74 -12.12
CA MSE A 381 -17.30 9.84 -13.07
C MSE A 381 -18.79 10.12 -13.13
O MSE A 381 -19.37 10.64 -12.17
CB MSE A 381 -17.08 8.40 -12.67
CG MSE A 381 -15.62 8.06 -12.35
SE MSE A 381 -15.44 6.33 -11.51
CE MSE A 381 -16.46 6.75 -9.89
N ASN A 382 -19.42 9.78 -14.26
CA ASN A 382 -20.88 9.91 -14.39
C ASN A 382 -21.61 8.98 -13.43
N ARG A 383 -21.28 7.70 -13.51
CA ARG A 383 -21.88 6.69 -12.67
C ARG A 383 -20.82 6.14 -11.69
N PRO A 384 -21.25 5.55 -10.56
CA PRO A 384 -20.29 4.94 -9.64
C PRO A 384 -19.88 3.59 -10.21
N LEU A 385 -18.79 3.02 -9.68
CA LEU A 385 -18.33 1.72 -10.12
C LEU A 385 -19.00 0.65 -9.26
N LEU A 386 -19.43 -0.43 -9.89
CA LEU A 386 -20.05 -1.54 -9.17
C LEU A 386 -19.43 -2.83 -9.62
N PRO A 387 -19.59 -3.87 -8.79
CA PRO A 387 -19.12 -5.18 -9.22
C PRO A 387 -19.71 -5.45 -10.58
N GLY A 388 -18.86 -5.76 -11.56
CA GLY A 388 -19.32 -6.09 -12.91
C GLY A 388 -19.18 -4.95 -13.90
N THR A 389 -19.13 -3.71 -13.42
CA THR A 389 -18.93 -2.54 -14.27
C THR A 389 -17.71 -2.71 -15.16
N PRO A 390 -17.89 -2.69 -16.49
CA PRO A 390 -16.70 -2.89 -17.33
C PRO A 390 -16.08 -1.56 -17.70
N PHE A 391 -14.86 -1.62 -18.24
CA PHE A 391 -14.11 -0.44 -18.65
C PHE A 391 -12.95 -0.91 -19.49
N ILE A 392 -12.14 0.03 -19.97
CA ILE A 392 -10.91 -0.32 -20.65
C ILE A 392 -9.72 0.00 -19.77
N LEU A 393 -8.86 -1.00 -19.58
CA LEU A 393 -7.66 -0.82 -18.81
C LEU A 393 -6.56 -0.35 -19.76
N PHE A 394 -5.90 0.74 -19.44
CA PHE A 394 -4.73 1.15 -20.20
C PHE A 394 -3.51 0.86 -19.39
N ILE A 395 -2.49 0.28 -20.03
CA ILE A 395 -1.31 -0.14 -19.29
C ILE A 395 -0.12 -0.21 -20.21
N GLY A 396 0.91 0.56 -19.90
CA GLY A 396 1.99 0.74 -20.85
C GLY A 396 1.40 1.11 -22.20
N VAL A 397 1.81 0.38 -23.23
CA VAL A 397 1.41 0.72 -24.60
C VAL A 397 0.33 -0.19 -25.07
N LYS A 398 -0.25 -0.92 -24.11
CA LYS A 398 -1.34 -1.86 -24.36
C LYS A 398 -2.66 -1.33 -23.79
N GLU A 399 -3.77 -1.75 -24.38
CA GLU A 399 -5.08 -1.44 -23.83
C GLU A 399 -5.87 -2.74 -23.80
N GLN A 400 -6.86 -2.83 -22.93
CA GLN A 400 -7.53 -4.10 -22.66
C GLN A 400 -8.85 -3.90 -21.96
N PRO A 401 -9.90 -4.57 -22.43
CA PRO A 401 -11.18 -4.45 -21.73
C PRO A 401 -11.13 -5.21 -20.42
N ALA A 402 -11.90 -4.76 -19.43
CA ALA A 402 -11.95 -5.42 -18.13
C ALA A 402 -13.17 -4.98 -17.34
N ARG A 403 -13.39 -5.64 -16.21
CA ARG A 403 -14.49 -5.26 -15.33
C ARG A 403 -14.06 -5.37 -13.89
N ILE A 404 -14.71 -4.58 -13.05
CA ILE A 404 -14.55 -4.72 -11.61
C ILE A 404 -15.09 -6.07 -11.27
N LYS A 405 -14.40 -6.78 -10.40
CA LYS A 405 -14.91 -8.07 -9.98
C LYS A 405 -15.32 -7.89 -8.55
N ARG A 406 -14.44 -7.26 -7.77
CA ARG A 406 -14.73 -7.01 -6.37
C ARG A 406 -14.41 -5.57 -5.96
N LEU A 407 -15.28 -5.02 -5.12
CA LEU A 407 -14.95 -3.83 -4.40
C LEU A 407 -14.55 -4.35 -3.04
N ILE A 408 -13.26 -4.23 -2.73
CA ILE A 408 -12.68 -4.85 -1.55
C ILE A 408 -12.70 -4.00 -0.30
N SER A 409 -12.54 -2.70 -0.44
CA SER A 409 -12.53 -1.85 0.74
C SER A 409 -12.09 -0.44 0.40
N PHE A 410 -12.67 0.54 1.09
CA PHE A 410 -12.21 1.91 0.95
C PHE A 410 -10.83 2.02 1.55
N ILE A 411 -10.17 3.12 1.26
CA ILE A 411 -8.89 3.44 1.85
C ILE A 411 -9.10 4.73 2.63
N ASP A 412 -9.16 4.61 3.95
CA ASP A 412 -9.31 5.81 4.77
C ASP A 412 -8.00 6.62 4.77
N LYS A 413 -7.13 6.41 5.74
CA LYS A 413 -5.93 7.24 5.80
C LYS A 413 -4.64 6.46 5.60
N GLY A 414 -3.63 7.18 5.11
CA GLY A 414 -2.39 6.56 4.69
C GLY A 414 -2.70 5.50 3.65
N ASN A 415 -2.79 4.26 4.12
CA ASN A 415 -3.02 3.13 3.24
C ASN A 415 -3.96 2.12 3.90
N THR A 416 -4.57 2.53 5.02
CA THR A 416 -5.43 1.65 5.79
C THR A 416 -6.75 1.30 5.07
N ALA A 417 -7.15 0.04 5.21
CA ALA A 417 -8.39 -0.47 4.64
C ALA A 417 -9.63 -0.22 5.52
N SER A 418 -10.20 0.97 5.40
CA SER A 418 -11.39 1.38 6.15
C SER A 418 -12.40 0.26 6.37
N LYS A 419 -12.87 0.12 7.61
CA LYS A 419 -13.82 -0.92 7.96
C LYS A 419 -15.22 -0.57 7.45
N LYS A 420 -15.36 0.62 6.87
CA LYS A 420 -16.63 1.08 6.27
C LYS A 420 -17.00 0.24 5.06
N LYS A 421 -18.20 -0.31 5.07
CA LYS A 421 -18.59 -1.24 4.01
C LYS A 421 -18.85 -0.49 2.72
N ILE A 422 -18.56 -1.16 1.60
CA ILE A 422 -18.44 -0.51 0.31
C ILE A 422 -19.23 -1.26 -0.75
N ARG A 423 -20.40 -0.72 -1.10
CA ARG A 423 -21.27 -1.39 -2.06
C ARG A 423 -21.06 -0.80 -3.46
N HIS A 424 -20.51 0.41 -3.51
CA HIS A 424 -20.23 1.09 -4.76
C HIS A 424 -19.13 2.12 -4.54
N LEU A 425 -18.31 2.29 -5.57
CA LEU A 425 -17.18 3.20 -5.54
C LEU A 425 -17.56 4.44 -6.32
N GLY A 426 -17.54 5.60 -5.67
CA GLY A 426 -18.00 6.82 -6.32
C GLY A 426 -16.86 7.72 -6.74
N SER A 427 -17.17 8.95 -7.17
CA SER A 427 -16.12 9.87 -7.61
C SER A 427 -15.22 10.39 -6.49
N LYS A 428 -14.00 10.76 -6.86
CA LYS A 428 -13.06 11.39 -5.94
C LYS A 428 -12.78 10.56 -4.68
N GLN A 429 -12.77 9.22 -4.84
CA GLN A 429 -12.44 8.31 -3.75
C GLN A 429 -11.29 7.36 -4.08
N ARG A 430 -10.86 6.58 -3.09
CA ARG A 430 -9.77 5.63 -3.28
C ARG A 430 -10.16 4.32 -2.62
N ALA A 431 -9.91 3.22 -3.30
CA ALA A 431 -10.27 1.93 -2.74
C ALA A 431 -9.42 0.81 -3.32
N PHE A 432 -9.29 -0.28 -2.59
CA PHE A 432 -8.70 -1.47 -3.15
C PHE A 432 -9.77 -2.24 -3.91
N VAL A 433 -9.45 -2.66 -5.11
CA VAL A 433 -10.46 -3.18 -6.01
C VAL A 433 -9.91 -4.42 -6.71
N GLU A 434 -10.77 -5.38 -7.03
CA GLU A 434 -10.30 -6.53 -7.82
C GLU A 434 -10.86 -6.44 -9.25
N ILE A 435 -9.96 -6.52 -10.20
CA ILE A 435 -10.25 -6.32 -11.59
C ILE A 435 -10.19 -7.66 -12.30
N GLU A 436 -10.99 -7.83 -13.33
CA GLU A 436 -10.94 -9.04 -14.13
C GLU A 436 -10.89 -8.66 -15.59
N LEU A 437 -10.01 -9.30 -16.34
CA LEU A 437 -9.85 -9.01 -17.76
C LEU A 437 -10.91 -9.79 -18.52
N ILE A 438 -11.46 -9.19 -19.57
CA ILE A 438 -12.44 -9.91 -20.37
C ILE A 438 -12.06 -9.95 -21.84
N GLU A 439 -12.49 -11.00 -22.53
CA GLU A 439 -12.15 -11.15 -23.94
C GLU A 439 -10.65 -11.04 -24.11
N VAL A 440 -9.90 -11.87 -23.39
CA VAL A 440 -8.47 -11.83 -23.49
C VAL A 440 -8.03 -12.63 -24.68
N LYS A 441 -7.37 -11.98 -25.62
CA LYS A 441 -6.88 -12.69 -26.80
C LYS A 441 -5.49 -13.22 -26.50
N ARG A 442 -4.78 -12.55 -25.60
CA ARG A 442 -3.40 -12.89 -25.30
C ARG A 442 -3.09 -12.36 -23.93
N TRP A 443 -2.30 -13.10 -23.15
CA TRP A 443 -1.95 -12.66 -21.79
C TRP A 443 -1.16 -11.36 -21.77
N ILE A 444 -1.50 -10.49 -20.83
CA ILE A 444 -0.69 -9.30 -20.56
C ILE A 444 0.24 -9.59 -19.39
N PRO A 445 1.55 -9.38 -19.61
CA PRO A 445 2.54 -9.48 -18.54
C PRO A 445 2.26 -8.34 -17.56
N LEU A 446 2.31 -8.63 -16.27
CA LEU A 446 2.08 -7.60 -15.26
C LEU A 446 3.17 -7.60 -14.20
N LEU A 447 3.45 -6.41 -13.68
CA LEU A 447 4.38 -6.23 -12.59
C LEU A 447 3.64 -5.40 -11.55
N THR A 448 3.79 -5.73 -10.27
CA THR A 448 3.14 -4.90 -9.25
C THR A 448 3.94 -3.63 -9.07
N ALA A 449 3.24 -2.56 -8.72
CA ALA A 449 3.90 -1.27 -8.52
C ALA A 449 4.89 -1.26 -7.35
N HIS A 450 4.85 -2.22 -6.43
CA HIS A 450 5.99 -2.27 -5.51
C HIS A 450 7.25 -2.74 -6.19
N GLU A 451 7.11 -3.61 -7.17
CA GLU A 451 8.28 -4.15 -7.82
C GLU A 451 8.91 -3.08 -8.65
N ASN A 452 8.07 -2.24 -9.22
CA ASN A 452 8.53 -1.17 -10.08
C ASN A 452 7.43 -0.16 -10.26
N ASP A 453 7.74 1.10 -9.99
CA ASP A 453 6.68 2.07 -9.76
C ASP A 453 6.01 2.51 -11.04
N ARG A 454 6.77 2.42 -12.11
CA ARG A 454 6.34 2.94 -13.40
C ARG A 454 5.48 1.91 -14.10
N LEU A 455 6.04 0.71 -14.27
CA LEU A 455 5.39 -0.35 -14.99
C LEU A 455 4.14 -0.83 -14.26
N GLY A 456 4.03 -0.52 -12.97
CA GLY A 456 2.94 -1.02 -12.17
C GLY A 456 1.68 -0.16 -12.12
N ARG A 457 1.59 0.81 -13.02
CA ARG A 457 0.45 1.73 -12.99
C ARG A 457 -0.47 1.50 -14.17
N VAL A 458 -1.78 1.74 -13.96
CA VAL A 458 -2.74 1.59 -15.04
C VAL A 458 -3.77 2.68 -14.97
N VAL A 459 -4.26 3.09 -16.14
CA VAL A 459 -5.31 4.09 -16.24
C VAL A 459 -6.60 3.48 -16.74
N LEU A 460 -7.69 3.79 -16.06
CA LEU A 460 -8.98 3.21 -16.39
C LEU A 460 -9.84 4.26 -17.08
N ARG A 461 -10.44 3.85 -18.20
CA ARG A 461 -11.37 4.71 -18.91
C ARG A 461 -12.63 3.94 -19.15
N LYS A 462 -13.78 4.61 -19.05
CA LYS A 462 -15.00 4.06 -19.66
C LYS A 462 -15.91 5.09 -20.35
N ASP A 463 -16.41 4.70 -21.53
CA ASP A 463 -17.20 5.57 -22.39
C ASP A 463 -16.43 6.84 -22.69
N GLY A 464 -15.21 6.65 -23.18
CA GLY A 464 -14.40 7.78 -23.59
C GLY A 464 -13.90 8.71 -22.48
N ARG A 465 -14.25 8.46 -21.23
CA ARG A 465 -13.79 9.35 -20.15
C ARG A 465 -12.80 8.69 -19.19
N THR A 466 -11.65 9.30 -18.99
CA THR A 466 -10.70 8.83 -18.00
C THR A 466 -11.41 8.87 -16.64
N ILE A 467 -11.64 7.70 -16.06
CA ILE A 467 -12.40 7.60 -14.82
C ILE A 467 -11.55 7.33 -13.59
N ALA A 468 -10.39 6.69 -13.74
CA ALA A 468 -9.58 6.38 -12.56
C ALA A 468 -8.15 5.94 -12.84
N ALA A 469 -7.30 6.06 -11.84
CA ALA A 469 -5.94 5.58 -11.99
C ALA A 469 -5.77 4.47 -10.99
N GLY A 470 -4.83 3.57 -11.23
CA GLY A 470 -4.58 2.49 -10.29
C GLY A 470 -3.14 2.09 -10.22
N LYS A 471 -2.73 1.58 -9.06
CA LYS A 471 -1.42 0.94 -8.88
C LYS A 471 -1.71 -0.53 -8.73
N ILE A 472 -0.97 -1.39 -9.40
CA ILE A 472 -1.19 -2.82 -9.24
C ILE A 472 -0.62 -3.28 -7.91
N SER A 473 -1.48 -3.73 -7.02
CA SER A 473 -1.07 -4.07 -5.68
C SER A 473 -0.74 -5.54 -5.47
N GLU A 474 -1.37 -6.37 -6.26
CA GLU A 474 -1.26 -7.78 -6.00
C GLU A 474 -1.75 -8.46 -7.23
N ILE A 475 -1.15 -9.61 -7.55
CA ILE A 475 -1.58 -10.35 -8.72
C ILE A 475 -2.12 -11.72 -8.35
N THR A 476 -3.40 -11.93 -8.63
CA THR A 476 -4.09 -13.21 -8.38
C THR A 476 -3.90 -14.19 -9.56
N GLN A 477 -2.63 -14.42 -9.88
CA GLN A 477 -2.12 -15.21 -11.03
C GLN A 477 -3.01 -16.31 -11.62
N VAL B 5 -7.32 -36.67 5.89
CA VAL B 5 -5.91 -36.27 5.90
C VAL B 5 -5.37 -35.93 4.50
N GLN B 6 -5.39 -36.90 3.59
CA GLN B 6 -4.95 -36.62 2.23
C GLN B 6 -5.88 -35.53 1.64
N ARG B 7 -7.14 -35.54 2.07
CA ARG B 7 -8.10 -34.53 1.66
C ARG B 7 -9.24 -34.43 2.66
N TYR B 8 -9.59 -33.22 3.04
CA TYR B 8 -10.77 -32.98 3.82
C TYR B 8 -11.89 -32.52 2.92
N TYR B 9 -13.11 -32.87 3.25
CA TYR B 9 -14.27 -32.42 2.49
C TYR B 9 -14.23 -30.91 2.45
N LYS B 10 -14.37 -30.33 1.27
CA LYS B 10 -14.31 -28.89 1.13
C LYS B 10 -15.26 -28.42 0.03
N THR B 11 -16.04 -27.38 0.35
CA THR B 11 -17.01 -26.86 -0.58
C THR B 11 -16.84 -25.35 -0.74
N THR B 12 -17.48 -24.80 -1.76
CA THR B 12 -17.41 -23.37 -1.99
C THR B 12 -18.81 -22.94 -2.35
N VAL B 13 -19.77 -23.74 -1.91
CA VAL B 13 -21.17 -23.46 -2.11
C VAL B 13 -21.89 -23.37 -0.76
N PRO B 14 -22.24 -22.14 -0.38
CA PRO B 14 -22.84 -21.84 0.91
C PRO B 14 -24.06 -22.68 1.21
N THR B 15 -24.08 -23.28 2.38
CA THR B 15 -25.28 -23.87 2.92
C THR B 15 -26.09 -22.75 3.58
N LYS B 16 -27.41 -22.90 3.59
CA LYS B 16 -28.28 -21.89 4.20
C LYS B 16 -28.50 -22.17 5.67
N PRO B 17 -28.85 -21.13 6.43
CA PRO B 17 -29.14 -21.19 7.87
C PRO B 17 -30.45 -21.91 8.19
N LYS B 18 -30.46 -22.71 9.26
CA LYS B 18 -31.69 -23.32 9.75
C LYS B 18 -32.84 -22.32 9.88
N LYS B 19 -32.56 -21.12 10.38
CA LYS B 19 -33.62 -20.17 10.66
C LYS B 19 -33.18 -18.80 10.22
N PRO B 20 -33.13 -18.56 8.92
CA PRO B 20 -32.53 -17.31 8.40
C PRO B 20 -32.92 -16.06 9.19
N HIS B 21 -31.96 -15.16 9.44
CA HIS B 21 -32.23 -13.89 10.15
C HIS B 21 -31.81 -12.69 9.34
N ASP B 22 -32.41 -11.55 9.64
CA ASP B 22 -32.04 -10.31 9.00
C ASP B 22 -30.87 -9.75 9.79
N ILE B 23 -29.68 -9.80 9.19
CA ILE B 23 -28.48 -9.39 9.90
C ILE B 23 -28.62 -7.97 10.40
N SER B 24 -28.91 -7.05 9.48
CA SER B 24 -28.99 -5.62 9.81
C SER B 24 -29.94 -5.44 10.97
N ALA B 25 -31.13 -5.99 10.81
CA ALA B 25 -32.04 -6.12 11.92
C ALA B 25 -31.30 -6.56 13.19
N PHE B 26 -30.70 -7.75 13.17
CA PHE B 26 -30.16 -8.34 14.39
C PHE B 26 -29.12 -7.47 15.03
N VAL B 27 -28.37 -6.75 14.21
CA VAL B 27 -27.36 -5.84 14.75
C VAL B 27 -28.01 -4.71 15.54
N LYS B 28 -28.97 -4.05 14.91
CA LYS B 28 -29.62 -2.91 15.54
C LYS B 28 -30.22 -3.37 16.85
N SER B 29 -31.18 -4.27 16.76
CA SER B 29 -31.77 -4.90 17.93
C SER B 29 -30.73 -5.24 19.04
N ALA B 30 -29.49 -5.55 18.64
CA ALA B 30 -28.51 -6.07 19.60
C ALA B 30 -27.70 -5.01 20.33
N LEU B 31 -27.22 -5.38 21.51
CA LEU B 31 -26.33 -4.55 22.29
C LEU B 31 -24.98 -4.44 21.64
N PRO B 32 -24.37 -3.25 21.75
CA PRO B 32 -23.01 -2.99 21.29
C PRO B 32 -22.03 -3.87 22.06
N HIS B 33 -20.87 -4.09 21.48
CA HIS B 33 -19.86 -4.87 22.17
C HIS B 33 -18.48 -4.34 21.88
N LEU B 34 -17.64 -4.30 22.91
CA LEU B 34 -16.29 -3.86 22.74
C LEU B 34 -15.35 -4.80 23.47
N SER B 35 -14.22 -5.13 22.83
CA SER B 35 -13.17 -5.90 23.48
C SER B 35 -11.99 -4.99 23.60
N PHE B 36 -11.27 -5.10 24.72
CA PHE B 36 -10.14 -4.23 24.91
C PHE B 36 -9.05 -4.94 25.69
N VAL B 37 -7.83 -4.44 25.57
CA VAL B 37 -6.70 -4.98 26.29
C VAL B 37 -6.17 -3.84 27.18
N VAL B 38 -5.59 -4.19 28.32
CA VAL B 38 -5.18 -3.16 29.28
C VAL B 38 -3.66 -3.06 29.36
N LEU B 39 -3.09 -2.05 28.74
CA LEU B 39 -1.63 -1.97 28.66
C LEU B 39 -1.11 -0.97 29.67
N GLY B 40 0.20 -0.74 29.68
CA GLY B 40 0.79 0.17 30.65
C GLY B 40 2.06 -0.37 31.31
N HIS B 41 2.79 0.52 31.98
CA HIS B 41 4.06 0.15 32.62
C HIS B 41 3.82 -0.83 33.76
N VAL B 42 4.91 -1.32 34.35
CA VAL B 42 4.81 -2.33 35.39
C VAL B 42 4.10 -1.84 36.67
N ASP B 43 4.30 -0.58 37.05
CA ASP B 43 3.67 -0.05 38.25
C ASP B 43 2.80 1.17 37.95
N ALA B 44 1.69 0.93 37.27
CA ALA B 44 0.90 2.02 36.77
C ALA B 44 -0.54 1.88 37.25
N GLY B 45 -0.85 0.74 37.85
CA GLY B 45 -2.18 0.53 38.38
C GLY B 45 -3.07 -0.41 37.57
N LYS B 46 -2.49 -1.09 36.59
CA LYS B 46 -3.25 -1.99 35.74
C LYS B 46 -4.20 -2.90 36.51
N SER B 47 -3.70 -3.55 37.54
CA SER B 47 -4.50 -4.56 38.20
C SER B 47 -5.39 -3.97 39.27
N THR B 48 -4.92 -2.95 39.97
CA THR B 48 -5.80 -2.32 40.95
C THR B 48 -6.94 -1.66 40.18
N LEU B 49 -6.63 -1.07 39.05
CA LEU B 49 -7.65 -0.55 38.15
C LEU B 49 -8.63 -1.63 37.69
N MSE B 50 -8.12 -2.77 37.26
CA MSE B 50 -8.97 -3.87 36.83
C MSE B 50 -9.84 -4.37 37.97
O MSE B 50 -11.03 -4.63 37.78
CB MSE B 50 -8.11 -5.04 36.28
CG MSE B 50 -7.96 -5.05 34.76
SE MSE B 50 -9.72 -4.84 33.87
CE MSE B 50 -9.82 -2.92 33.70
N GLY B 51 -9.24 -4.49 39.14
CA GLY B 51 -9.94 -4.96 40.31
C GLY B 51 -11.11 -4.06 40.54
N ARG B 52 -10.80 -2.78 40.77
CA ARG B 52 -11.79 -1.75 41.01
C ARG B 52 -12.95 -1.86 40.03
N LEU B 53 -12.61 -1.98 38.76
CA LEU B 53 -13.61 -2.14 37.73
C LEU B 53 -14.54 -3.32 37.99
N LEU B 54 -13.98 -4.52 38.04
CA LEU B 54 -14.77 -5.71 38.28
C LEU B 54 -15.60 -5.58 39.55
N TYR B 55 -15.02 -4.96 40.59
CA TYR B 55 -15.73 -4.70 41.83
C TYR B 55 -16.98 -3.84 41.65
N ASP B 56 -16.86 -2.76 40.91
CA ASP B 56 -18.02 -1.94 40.67
C ASP B 56 -19.03 -2.78 39.92
N LEU B 57 -18.55 -3.85 39.28
CA LEU B 57 -19.40 -4.70 38.46
C LEU B 57 -19.99 -5.82 39.30
N ASN B 58 -19.71 -5.78 40.60
CA ASN B 58 -20.09 -6.84 41.52
C ASN B 58 -19.59 -8.21 41.07
N ILE B 59 -18.39 -8.24 40.48
CA ILE B 59 -17.73 -9.46 40.05
C ILE B 59 -16.62 -9.82 41.03
N VAL B 60 -16.14 -8.78 41.70
CA VAL B 60 -15.14 -8.96 42.74
C VAL B 60 -15.73 -8.58 44.08
N ASN B 61 -15.32 -9.31 45.10
CA ASN B 61 -15.81 -9.19 46.46
C ASN B 61 -15.23 -7.95 47.12
N GLN B 62 -15.84 -7.50 48.20
CA GLN B 62 -15.27 -6.38 48.90
C GLN B 62 -13.93 -6.73 49.53
N SER B 63 -13.71 -8.03 49.74
CA SER B 63 -12.48 -8.47 50.39
C SER B 63 -11.52 -8.93 49.33
N GLN B 64 -12.06 -9.49 48.26
CA GLN B 64 -11.23 -9.84 47.14
C GLN B 64 -10.46 -8.57 46.77
N LEU B 65 -11.06 -7.41 46.99
CA LEU B 65 -10.47 -6.14 46.59
C LEU B 65 -9.44 -5.63 47.60
N ARG B 66 -9.65 -5.94 48.88
CA ARG B 66 -8.73 -5.49 49.92
C ARG B 66 -7.45 -6.32 49.85
N LYS B 67 -7.59 -7.58 49.44
CA LYS B 67 -6.44 -8.46 49.20
C LYS B 67 -5.58 -7.87 48.10
N LEU B 68 -6.18 -7.68 46.92
CA LEU B 68 -5.49 -7.05 45.80
C LEU B 68 -4.74 -5.79 46.20
N GLN B 69 -5.15 -5.14 47.30
CA GLN B 69 -4.52 -3.89 47.72
C GLN B 69 -3.39 -4.11 48.73
N ARG B 70 -2.22 -4.48 48.21
CA ARG B 70 -1.01 -4.68 49.03
C ARG B 70 0.26 -4.30 48.25
N ALA B 83 -3.65 -10.20 37.58
CA ALA B 83 -4.31 -11.09 36.62
C ALA B 83 -4.73 -12.47 37.18
N TRP B 84 -4.57 -12.66 38.49
CA TRP B 84 -5.28 -13.73 39.24
C TRP B 84 -6.75 -13.41 39.05
N ILE B 85 -6.98 -12.15 38.74
CA ILE B 85 -8.27 -11.54 38.44
C ILE B 85 -9.00 -12.19 37.25
N MSE B 86 -8.25 -12.69 36.28
CA MSE B 86 -8.84 -13.35 35.11
C MSE B 86 -9.39 -14.73 35.49
O MSE B 86 -10.41 -15.17 34.97
CB MSE B 86 -7.80 -13.48 34.00
CG MSE B 86 -7.14 -12.17 33.60
SE MSE B 86 -8.32 -11.04 32.52
CE MSE B 86 -8.69 -12.31 31.07
N ASP B 87 -8.68 -15.40 36.38
CA ASP B 87 -9.07 -16.73 36.80
C ASP B 87 -10.35 -16.65 37.64
N GLN B 88 -10.48 -15.55 38.37
CA GLN B 88 -11.55 -15.37 39.36
C GLN B 88 -12.93 -15.02 38.76
N THR B 89 -12.91 -14.49 37.53
CA THR B 89 -14.15 -14.13 36.84
C THR B 89 -14.52 -15.16 35.78
N ASN B 90 -13.76 -16.26 35.75
CA ASN B 90 -14.04 -17.35 34.83
C ASN B 90 -14.49 -18.62 35.56
N GLU B 91 -15.50 -19.28 35.00
CA GLU B 91 -16.00 -20.55 35.54
C GLU B 91 -15.16 -21.66 34.94
N GLU B 92 -15.07 -22.79 35.63
CA GLU B 92 -14.14 -23.83 35.23
C GLU B 92 -14.64 -24.64 34.03
N ARG B 93 -14.22 -24.26 32.84
CA ARG B 93 -14.36 -25.16 31.69
C ARG B 93 -13.03 -25.92 31.57
N GLU B 94 -12.97 -26.95 30.74
CA GLU B 94 -11.70 -27.65 30.57
C GLU B 94 -10.93 -26.99 29.45
N ARG B 95 -10.23 -25.91 29.81
CA ARG B 95 -9.47 -25.12 28.86
C ARG B 95 -8.77 -26.02 27.84
N GLY B 96 -8.90 -25.64 26.56
CA GLY B 96 -8.35 -26.37 25.43
C GLY B 96 -6.84 -26.47 25.54
N VAL B 97 -6.29 -27.57 25.03
CA VAL B 97 -4.93 -27.95 25.41
C VAL B 97 -4.05 -26.72 25.66
N THR B 98 -3.62 -26.07 24.59
CA THR B 98 -2.93 -24.78 24.72
C THR B 98 -3.92 -23.61 24.71
N VAL B 99 -3.77 -22.71 25.67
CA VAL B 99 -4.62 -21.54 25.77
C VAL B 99 -3.87 -20.40 25.10
N SER B 100 -4.56 -19.67 24.24
CA SER B 100 -3.86 -18.63 23.50
C SER B 100 -4.03 -17.32 24.22
N ILE B 101 -5.27 -16.97 24.50
CA ILE B 101 -5.54 -15.76 25.24
C ILE B 101 -6.62 -16.02 26.28
N CYS B 102 -6.63 -15.20 27.32
CA CYS B 102 -7.66 -15.27 28.33
C CYS B 102 -8.67 -14.19 28.04
N THR B 103 -9.94 -14.49 28.19
CA THR B 103 -10.95 -13.48 28.09
C THR B 103 -11.81 -13.45 29.35
N SER B 104 -12.28 -12.27 29.71
CA SER B 104 -13.26 -12.11 30.78
C SER B 104 -14.39 -11.26 30.27
N HIS B 105 -15.60 -11.79 30.31
CA HIS B 105 -16.70 -11.03 29.73
C HIS B 105 -17.49 -10.30 30.82
N PHE B 106 -18.03 -9.14 30.46
CA PHE B 106 -18.89 -8.41 31.38
C PHE B 106 -19.80 -7.44 30.68
N SER B 107 -20.67 -6.83 31.45
CA SER B 107 -21.83 -6.18 30.88
C SER B 107 -22.29 -5.05 31.77
N THR B 108 -22.89 -4.03 31.16
CA THR B 108 -23.61 -2.99 31.87
C THR B 108 -24.97 -3.00 31.18
N HIS B 109 -25.85 -2.08 31.56
CA HIS B 109 -27.14 -2.08 30.89
C HIS B 109 -27.01 -1.54 29.45
N ARG B 110 -25.89 -0.90 29.15
CA ARG B 110 -25.74 -0.24 27.86
C ARG B 110 -24.91 -1.03 26.88
N ALA B 111 -23.96 -1.81 27.37
CA ALA B 111 -23.03 -2.44 26.46
C ALA B 111 -22.41 -3.70 27.01
N ASN B 112 -21.90 -4.54 26.10
CA ASN B 112 -21.15 -5.73 26.49
C ASN B 112 -19.68 -5.58 26.16
N PHE B 113 -18.84 -6.16 27.00
CA PHE B 113 -17.42 -5.95 26.89
C PHE B 113 -16.73 -7.27 27.02
N THR B 114 -15.46 -7.28 26.62
CA THR B 114 -14.63 -8.46 26.74
C THR B 114 -13.22 -8.04 27.04
N ILE B 115 -12.74 -8.28 28.26
CA ILE B 115 -11.35 -7.96 28.58
C ILE B 115 -10.50 -9.00 27.91
N VAL B 116 -9.42 -8.59 27.23
CA VAL B 116 -8.49 -9.57 26.71
C VAL B 116 -7.14 -9.43 27.32
N ASP B 117 -6.50 -10.57 27.50
CA ASP B 117 -5.19 -10.63 28.09
C ASP B 117 -4.54 -11.92 27.63
N ALA B 118 -3.22 -11.92 27.48
CA ALA B 118 -2.52 -13.18 27.27
C ALA B 118 -2.33 -13.84 28.62
N PRO B 119 -1.96 -15.12 28.64
CA PRO B 119 -1.52 -15.71 29.90
C PRO B 119 0.00 -15.65 29.95
N GLY B 120 0.61 -15.98 31.08
CA GLY B 120 2.06 -15.92 31.22
C GLY B 120 2.52 -14.53 31.63
N HIS B 121 3.83 -14.29 31.59
CA HIS B 121 4.36 -12.96 31.94
C HIS B 121 3.61 -11.86 31.18
N ARG B 122 3.15 -10.83 31.89
CA ARG B 122 2.49 -9.73 31.21
C ARG B 122 3.51 -8.69 30.70
N ASP B 123 4.72 -8.74 31.26
CA ASP B 123 5.86 -7.94 30.82
C ASP B 123 6.51 -8.52 29.57
N PHE B 124 6.14 -9.75 29.25
CA PHE B 124 6.73 -10.55 28.17
C PHE B 124 6.09 -10.26 26.82
N VAL B 125 6.80 -9.48 26.00
CA VAL B 125 6.25 -8.88 24.78
C VAL B 125 5.40 -9.80 23.92
N PRO B 126 5.92 -11.00 23.63
CA PRO B 126 5.14 -11.96 22.84
C PRO B 126 3.73 -12.15 23.40
N ASN B 127 3.58 -12.07 24.72
CA ASN B 127 2.26 -12.18 25.33
C ASN B 127 1.42 -10.92 25.12
N ALA B 128 2.04 -9.75 25.17
CA ALA B 128 1.30 -8.53 24.86
C ALA B 128 0.79 -8.55 23.41
N ILE B 129 1.61 -9.09 22.52
CA ILE B 129 1.23 -9.17 21.12
C ILE B 129 -0.07 -9.97 20.97
N MSE B 130 -0.16 -11.10 21.66
CA MSE B 130 -1.36 -11.90 21.56
C MSE B 130 -2.59 -11.09 22.02
O MSE B 130 -3.62 -11.09 21.35
CB MSE B 130 -1.24 -13.15 22.42
CG MSE B 130 -0.02 -13.95 22.14
SE MSE B 130 -0.23 -15.87 22.59
CE MSE B 130 1.33 -16.52 21.60
N GLY B 131 -2.47 -10.42 23.15
CA GLY B 131 -3.57 -9.68 23.66
C GLY B 131 -3.97 -8.62 22.66
N ILE B 132 -3.00 -7.80 22.29
CA ILE B 132 -3.27 -6.69 21.40
C ILE B 132 -3.98 -7.13 20.13
N SER B 133 -3.54 -8.24 19.56
CA SER B 133 -4.03 -8.69 18.29
C SER B 133 -5.51 -9.03 18.31
N GLN B 134 -6.03 -9.50 19.43
CA GLN B 134 -7.45 -9.86 19.46
C GLN B 134 -8.37 -8.77 20.00
N ALA B 135 -7.80 -7.69 20.50
CA ALA B 135 -8.61 -6.66 21.14
C ALA B 135 -8.94 -5.52 20.23
N ASP B 136 -10.17 -5.03 20.29
CA ASP B 136 -10.57 -3.94 19.42
C ASP B 136 -9.69 -2.74 19.69
N MSE B 137 -9.65 -2.28 20.93
CA MSE B 137 -8.84 -1.12 21.28
C MSE B 137 -8.03 -1.35 22.53
O MSE B 137 -8.14 -2.40 23.17
CB MSE B 137 -9.75 0.06 21.52
CG MSE B 137 -10.42 -0.02 22.88
SE MSE B 137 -11.71 1.38 23.02
CE MSE B 137 -10.56 2.95 23.06
N ALA B 138 -7.23 -0.35 22.91
CA ALA B 138 -6.43 -0.46 24.13
C ALA B 138 -6.69 0.65 25.17
N ILE B 139 -6.62 0.27 26.44
CA ILE B 139 -6.64 1.23 27.51
C ILE B 139 -5.22 1.31 27.97
N LEU B 140 -4.61 2.47 27.82
CA LEU B 140 -3.24 2.65 28.28
C LEU B 140 -3.29 3.30 29.64
N CYS B 141 -2.85 2.56 30.63
CA CYS B 141 -2.88 2.95 32.02
C CYS B 141 -1.56 3.64 32.40
N VAL B 142 -1.61 4.94 32.71
CA VAL B 142 -0.40 5.71 33.05
C VAL B 142 -0.31 6.20 34.50
N ASP B 143 0.85 6.02 35.13
CA ASP B 143 1.08 6.53 36.47
C ASP B 143 1.39 8.02 36.48
N CYS B 144 0.50 8.82 37.04
CA CYS B 144 0.70 10.27 37.06
C CYS B 144 1.53 10.80 38.22
N SER B 145 1.81 9.95 39.20
CA SER B 145 2.62 10.32 40.36
C SER B 145 3.95 10.90 39.95
N THR B 146 4.60 11.59 40.88
CA THR B 146 5.82 12.35 40.56
C THR B 146 7.10 11.59 40.87
N PHE B 153 7.55 14.20 33.66
CA PHE B 153 7.16 12.82 33.36
C PHE B 153 8.16 12.07 32.46
N ASP B 154 8.42 10.82 32.84
CA ASP B 154 9.38 9.94 32.15
C ASP B 154 8.69 8.98 31.22
N LEU B 155 8.51 9.40 29.97
CA LEU B 155 7.95 8.55 28.93
C LEU B 155 8.88 7.35 28.75
N ASP B 156 8.48 6.22 29.33
CA ASP B 156 9.42 5.15 29.59
C ASP B 156 9.39 3.97 28.62
N GLY B 157 10.33 3.04 28.82
CA GLY B 157 10.57 1.91 27.95
C GLY B 157 9.40 1.05 27.54
N GLN B 158 8.67 0.47 28.50
CA GLN B 158 7.66 -0.52 28.13
C GLN B 158 6.30 0.11 27.89
N THR B 159 6.13 1.36 28.31
CA THR B 159 4.97 2.11 27.88
C THR B 159 5.05 2.28 26.36
N LYS B 160 6.15 2.86 25.88
CA LYS B 160 6.36 3.11 24.45
C LYS B 160 6.29 1.83 23.63
N GLU B 161 6.93 0.78 24.13
CA GLU B 161 6.84 -0.53 23.50
C GLU B 161 5.39 -0.87 23.18
N HIS B 162 4.53 -0.79 24.19
CA HIS B 162 3.16 -1.26 24.06
C HIS B 162 2.39 -0.43 23.06
N MSE B 163 2.54 0.87 23.13
CA MSE B 163 1.85 1.74 22.20
C MSE B 163 2.34 1.46 20.79
O MSE B 163 1.60 1.64 19.82
CB MSE B 163 2.02 3.22 22.57
CG MSE B 163 1.24 3.56 23.82
SE MSE B 163 -0.56 2.74 23.80
CE MSE B 163 -1.46 4.28 23.03
N LEU B 164 3.58 0.98 20.70
CA LEU B 164 4.19 0.76 19.41
C LEU B 164 3.58 -0.48 18.80
N LEU B 165 3.51 -1.51 19.62
CA LEU B 165 2.81 -2.74 19.27
C LEU B 165 1.32 -2.54 19.01
N ALA B 166 0.70 -1.65 19.78
CA ALA B 166 -0.72 -1.39 19.62
C ALA B 166 -1.01 -0.93 18.21
N SER B 167 -0.27 0.06 17.72
CA SER B 167 -0.60 0.63 16.40
C SER B 167 -0.02 -0.22 15.30
N SER B 168 1.15 -0.81 15.54
CA SER B 168 1.67 -1.74 14.56
C SER B 168 0.64 -2.82 14.26
N LEU B 169 -0.02 -3.30 15.30
CA LEU B 169 -0.96 -4.41 15.18
C LEU B 169 -2.41 -4.05 14.73
N GLY B 170 -2.70 -2.78 14.54
CA GLY B 170 -3.96 -2.42 13.92
C GLY B 170 -4.95 -1.67 14.79
N ILE B 171 -4.53 -1.35 16.02
CA ILE B 171 -5.37 -0.65 16.97
C ILE B 171 -5.34 0.85 16.71
N HIS B 172 -6.53 1.43 16.49
CA HIS B 172 -6.62 2.84 16.10
C HIS B 172 -7.13 3.70 17.23
N ASN B 173 -7.88 3.07 18.13
CA ASN B 173 -8.54 3.74 19.24
C ASN B 173 -7.85 3.51 20.60
N LEU B 174 -7.62 4.60 21.33
CA LEU B 174 -7.05 4.50 22.67
C LEU B 174 -7.86 5.23 23.70
N ILE B 175 -7.78 4.73 24.93
CA ILE B 175 -8.25 5.43 26.10
C ILE B 175 -7.03 5.44 26.97
N ILE B 176 -6.49 6.63 27.22
CA ILE B 176 -5.36 6.81 28.14
C ILE B 176 -5.99 7.02 29.48
N ALA B 177 -5.89 6.05 30.36
CA ALA B 177 -6.40 6.18 31.70
C ALA B 177 -5.33 6.84 32.57
N MSE B 178 -5.34 8.17 32.58
CA MSE B 178 -4.40 8.95 33.39
C MSE B 178 -4.66 8.63 34.84
O MSE B 178 -5.69 8.98 35.38
CB MSE B 178 -4.64 10.44 33.18
CG MSE B 178 -4.53 10.87 31.75
SE MSE B 178 -2.67 10.89 31.22
CE MSE B 178 -1.99 12.17 32.48
N ASN B 179 -3.71 7.97 35.47
CA ASN B 179 -3.99 7.23 36.68
C ASN B 179 -3.24 7.77 37.89
N LYS B 180 -3.69 7.37 39.07
CA LYS B 180 -3.03 7.73 40.31
C LYS B 180 -3.10 9.23 40.53
N MSE B 181 -4.24 9.82 40.24
CA MSE B 181 -4.42 11.24 40.44
C MSE B 181 -4.28 11.66 41.91
O MSE B 181 -3.89 12.78 42.20
CB MSE B 181 -5.74 11.73 39.82
CG MSE B 181 -5.75 11.73 38.30
SE MSE B 181 -4.21 12.61 37.45
CE MSE B 181 -4.91 14.42 37.27
N ASP B 182 -4.44 10.76 42.87
CA ASP B 182 -4.24 11.22 44.23
C ASP B 182 -2.86 11.75 44.42
N ASN B 183 -1.85 11.05 43.96
CA ASN B 183 -0.51 11.51 44.28
C ASN B 183 -0.08 12.74 43.48
N VAL B 184 -1.07 13.46 42.96
CA VAL B 184 -0.85 14.79 42.38
C VAL B 184 -2.08 15.66 42.67
N ASP B 185 -2.85 15.25 43.67
CA ASP B 185 -4.07 15.93 44.04
C ASP B 185 -4.84 16.37 42.80
N TRP B 186 -5.25 15.41 42.00
CA TRP B 186 -6.02 15.67 40.79
C TRP B 186 -5.62 16.97 40.08
N SER B 187 -4.31 17.19 39.96
CA SER B 187 -3.79 18.41 39.36
C SER B 187 -3.99 18.53 37.84
N GLN B 188 -4.92 19.39 37.43
CA GLN B 188 -5.12 19.67 36.01
C GLN B 188 -3.80 20.09 35.35
N GLN B 189 -2.91 20.64 36.16
CA GLN B 189 -1.66 21.18 35.68
C GLN B 189 -0.77 20.02 35.24
N ARG B 190 -0.76 18.99 36.08
CA ARG B 190 0.03 17.79 35.84
C ARG B 190 -0.58 16.93 34.74
N PHE B 191 -1.84 16.54 34.92
CA PHE B 191 -2.62 15.90 33.88
C PHE B 191 -2.26 16.49 32.52
N GLU B 192 -2.51 17.79 32.33
CA GLU B 192 -2.22 18.44 31.05
C GLU B 192 -0.74 18.45 30.66
N GLU B 193 0.14 18.16 31.62
CA GLU B 193 1.58 18.20 31.36
C GLU B 193 2.06 16.87 30.83
N ILE B 194 1.58 15.80 31.47
CA ILE B 194 1.87 14.45 31.02
C ILE B 194 1.31 14.28 29.61
N LYS B 195 0.09 14.75 29.40
CA LYS B 195 -0.55 14.63 28.10
C LYS B 195 0.27 15.27 26.97
N SER B 196 0.73 16.49 27.18
CA SER B 196 1.50 17.21 26.18
C SER B 196 2.81 16.48 25.80
N LYS B 197 3.31 15.65 26.70
CA LYS B 197 4.44 14.80 26.36
C LYS B 197 3.98 13.60 25.54
N LEU B 198 3.04 12.85 26.09
CA LEU B 198 2.54 11.59 25.51
C LEU B 198 1.85 11.75 24.16
N LEU B 199 0.92 12.69 24.09
CA LEU B 199 0.13 12.87 22.88
C LEU B 199 0.97 12.89 21.60
N PRO B 200 1.99 13.77 21.56
CA PRO B 200 2.83 13.89 20.36
C PRO B 200 3.51 12.57 20.01
N TYR B 201 3.93 11.83 21.04
CA TYR B 201 4.57 10.55 20.81
C TYR B 201 3.60 9.62 20.14
N LEU B 202 2.40 9.55 20.72
CA LEU B 202 1.37 8.67 20.20
C LEU B 202 1.08 9.04 18.77
N VAL B 203 1.06 10.34 18.47
CA VAL B 203 0.79 10.74 17.08
C VAL B 203 1.90 10.33 16.10
N ASP B 204 3.14 10.55 16.52
CA ASP B 204 4.28 10.21 15.68
C ASP B 204 4.19 8.73 15.33
N ILE B 205 3.97 7.94 16.38
CA ILE B 205 3.98 6.50 16.32
C ILE B 205 2.90 5.96 15.39
N GLY B 206 1.89 6.77 15.09
CA GLY B 206 0.90 6.40 14.10
C GLY B 206 -0.55 6.63 14.46
N PHE B 207 -0.81 7.33 15.55
CA PHE B 207 -2.18 7.50 15.98
C PHE B 207 -2.76 8.83 15.49
N PHE B 208 -4.06 9.01 15.75
CA PHE B 208 -4.72 10.28 15.50
C PHE B 208 -5.37 10.80 16.78
N GLU B 209 -5.26 12.09 16.97
CA GLU B 209 -5.65 12.70 18.23
C GLU B 209 -7.13 12.47 18.64
N ASP B 210 -8.02 12.28 17.66
CA ASP B 210 -9.46 12.15 17.94
C ASP B 210 -9.84 10.72 18.32
N ASN B 211 -8.90 9.79 18.11
CA ASN B 211 -9.10 8.40 18.48
C ASN B 211 -8.51 8.16 19.86
N ILE B 212 -7.89 9.18 20.41
CA ILE B 212 -7.35 9.09 21.75
C ILE B 212 -8.28 9.81 22.69
N ASN B 213 -8.67 9.15 23.77
CA ASN B 213 -9.49 9.76 24.83
C ASN B 213 -8.70 9.80 26.12
N TRP B 214 -8.76 10.92 26.85
CA TRP B 214 -7.94 11.07 28.05
C TRP B 214 -8.81 11.15 29.30
N VAL B 215 -8.63 10.20 30.22
CA VAL B 215 -9.50 10.07 31.39
C VAL B 215 -8.73 10.00 32.70
N PRO B 216 -8.98 10.96 33.62
CA PRO B 216 -8.30 11.00 34.91
C PRO B 216 -9.01 10.06 35.84
N ILE B 217 -8.28 9.20 36.53
CA ILE B 217 -8.89 8.22 37.44
C ILE B 217 -7.96 7.90 38.58
N SER B 218 -8.54 7.30 39.61
CA SER B 218 -7.72 6.71 40.65
C SER B 218 -8.18 5.29 40.84
N GLY B 219 -7.37 4.34 40.41
CA GLY B 219 -7.66 2.94 40.61
C GLY B 219 -7.94 2.64 42.07
N PHE B 220 -7.27 3.38 42.95
CA PHE B 220 -7.39 3.13 44.39
C PHE B 220 -8.67 3.66 45.01
N SER B 221 -8.95 4.96 44.86
CA SER B 221 -10.23 5.50 45.32
C SER B 221 -11.40 5.03 44.45
N GLY B 222 -11.12 4.59 43.24
CA GLY B 222 -12.17 4.21 42.32
C GLY B 222 -12.82 5.41 41.65
N GLU B 223 -12.25 6.57 41.92
CA GLU B 223 -12.80 7.80 41.40
C GLU B 223 -12.64 7.83 39.90
N GLY B 224 -13.76 7.94 39.20
CA GLY B 224 -13.76 8.12 37.77
C GLY B 224 -13.77 6.82 36.99
N VAL B 225 -13.69 5.70 37.71
CA VAL B 225 -13.66 4.42 37.04
C VAL B 225 -15.05 4.03 36.57
N TYR B 226 -15.95 3.72 37.49
CA TYR B 226 -17.31 3.38 37.11
C TYR B 226 -18.34 3.95 38.07
N LYS B 227 -18.41 3.37 39.27
CA LYS B 227 -19.54 3.62 40.15
C LYS B 227 -19.30 4.67 41.21
N ILE B 228 -18.05 5.04 41.44
CA ILE B 228 -17.73 6.19 42.30
C ILE B 228 -17.44 7.47 41.49
N GLU B 229 -18.32 8.46 41.63
CA GLU B 229 -18.33 9.64 40.75
C GLU B 229 -17.16 10.57 40.97
N TYR B 230 -16.91 11.42 39.98
CA TYR B 230 -15.84 12.39 40.12
C TYR B 230 -16.15 13.33 41.26
N THR B 231 -15.11 13.71 42.01
CA THR B 231 -15.26 14.67 43.09
C THR B 231 -15.51 16.06 42.53
N ASP B 232 -16.34 16.84 43.22
CA ASP B 232 -16.69 18.19 42.76
C ASP B 232 -15.46 19.06 42.43
N GLU B 233 -14.46 19.03 43.31
CA GLU B 233 -13.19 19.70 43.05
C GLU B 233 -12.66 19.31 41.68
N VAL B 234 -12.74 18.02 41.38
CA VAL B 234 -12.26 17.50 40.12
C VAL B 234 -13.17 17.91 38.97
N ARG B 235 -14.48 17.98 39.24
CA ARG B 235 -15.45 18.33 38.21
C ARG B 235 -15.28 19.75 37.66
N GLN B 236 -14.66 20.62 38.45
CA GLN B 236 -14.51 22.01 38.04
C GLN B 236 -13.42 22.22 36.98
N TRP B 237 -12.66 21.17 36.71
CA TRP B 237 -11.76 21.19 35.55
C TRP B 237 -11.94 20.01 34.56
N TYR B 238 -12.16 18.80 35.06
CA TYR B 238 -12.47 17.70 34.15
C TYR B 238 -13.97 17.50 33.94
N ASN B 239 -14.47 17.81 32.74
CA ASN B 239 -15.91 17.73 32.48
C ASN B 239 -16.35 16.62 31.51
N GLY B 240 -15.37 15.84 31.00
CA GLY B 240 -15.63 14.69 30.16
C GLY B 240 -16.01 13.43 30.95
N PRO B 241 -16.31 12.32 30.24
CA PRO B 241 -16.88 11.09 30.79
C PRO B 241 -15.88 10.28 31.63
N ASN B 242 -16.37 9.33 32.41
CA ASN B 242 -15.46 8.49 33.18
C ASN B 242 -15.09 7.25 32.40
N LEU B 243 -14.12 6.52 32.93
CA LEU B 243 -13.62 5.32 32.31
C LEU B 243 -14.75 4.50 31.69
N MSE B 244 -15.64 3.99 32.53
CA MSE B 244 -16.69 3.12 32.05
C MSE B 244 -17.50 3.77 30.93
O MSE B 244 -17.71 3.17 29.88
CB MSE B 244 -17.60 2.65 33.19
CG MSE B 244 -18.67 1.64 32.80
SE MSE B 244 -18.01 -0.08 32.11
CE MSE B 244 -16.43 -0.29 33.23
N SER B 245 -17.96 5.01 31.13
CA SER B 245 -18.77 5.65 30.12
C SER B 245 -17.99 5.73 28.83
N THR B 246 -16.76 6.23 28.93
CA THR B 246 -15.87 6.26 27.79
C THR B 246 -15.85 4.91 27.05
N LEU B 247 -15.77 3.81 27.79
CA LEU B 247 -15.78 2.48 27.19
C LEU B 247 -17.05 2.22 26.44
N GLU B 248 -18.18 2.53 27.07
CA GLU B 248 -19.48 2.33 26.47
C GLU B 248 -19.53 3.14 25.18
N ASN B 249 -18.93 4.32 25.21
CA ASN B 249 -18.99 5.18 24.04
C ASN B 249 -18.28 4.49 22.89
N ALA B 250 -17.08 4.00 23.16
CA ALA B 250 -16.32 3.23 22.18
C ALA B 250 -17.19 2.16 21.53
N ALA B 251 -17.76 1.31 22.38
CA ALA B 251 -18.66 0.24 21.96
C ALA B 251 -19.70 0.71 20.95
N PHE B 252 -20.43 1.77 21.29
CA PHE B 252 -21.46 2.29 20.42
C PHE B 252 -20.89 2.66 19.07
N LYS B 253 -19.82 3.44 19.08
CA LYS B 253 -19.07 3.75 17.87
C LYS B 253 -18.88 2.50 17.01
N ILE B 254 -18.32 1.44 17.60
CA ILE B 254 -18.16 0.17 16.88
C ILE B 254 -19.50 -0.36 16.38
N SER B 255 -20.37 -0.75 17.30
CA SER B 255 -21.67 -1.28 16.93
C SER B 255 -22.31 -0.63 15.68
N LYS B 256 -22.04 0.66 15.45
CA LYS B 256 -22.63 1.38 14.29
C LYS B 256 -22.06 0.92 12.96
N GLU B 257 -20.74 0.87 12.88
CA GLU B 257 -20.08 0.38 11.67
C GLU B 257 -20.66 -0.98 11.29
N ASN B 258 -20.82 -1.83 12.28
CA ASN B 258 -21.40 -3.15 12.05
C ASN B 258 -22.90 -3.17 11.67
N GLU B 259 -23.47 -2.00 11.39
CA GLU B 259 -24.89 -1.96 11.04
C GLU B 259 -25.03 -2.31 9.58
N GLY B 260 -24.00 -1.96 8.80
CA GLY B 260 -23.98 -2.28 7.39
C GLY B 260 -24.04 -3.78 7.09
N ILE B 261 -23.32 -4.58 7.88
CA ILE B 261 -23.08 -5.99 7.56
C ILE B 261 -24.19 -6.67 6.74
N ASN B 262 -23.82 -7.17 5.56
CA ASN B 262 -24.71 -7.91 4.67
C ASN B 262 -24.42 -9.39 4.66
N LYS B 263 -25.08 -10.11 3.77
CA LYS B 263 -24.75 -11.50 3.49
C LYS B 263 -23.67 -11.48 2.39
N ASP B 264 -23.50 -10.30 1.81
CA ASP B 264 -22.49 -10.09 0.77
C ASP B 264 -21.17 -9.76 1.45
N ASP B 265 -21.12 -9.96 2.76
CA ASP B 265 -19.91 -9.69 3.52
C ASP B 265 -19.24 -10.98 3.97
N PRO B 266 -17.94 -11.12 3.66
CA PRO B 266 -17.22 -12.32 4.06
C PRO B 266 -17.36 -12.55 5.57
N PHE B 267 -17.44 -13.82 5.96
CA PHE B 267 -17.24 -14.19 7.35
C PHE B 267 -15.74 -14.48 7.57
N LEU B 268 -15.19 -13.92 8.64
CA LEU B 268 -13.80 -14.21 9.02
C LEU B 268 -13.71 -14.39 10.53
N PHE B 269 -12.91 -15.35 10.94
CA PHE B 269 -12.97 -15.83 12.29
C PHE B 269 -11.61 -16.36 12.68
N SER B 270 -11.05 -15.86 13.77
CA SER B 270 -9.77 -16.37 14.19
C SER B 270 -10.03 -17.45 15.17
N VAL B 271 -9.61 -18.66 14.87
CA VAL B 271 -9.66 -19.75 15.84
C VAL B 271 -8.74 -19.41 17.01
N LEU B 272 -9.32 -19.24 18.20
CA LEU B 272 -8.53 -18.88 19.37
C LEU B 272 -8.35 -20.01 20.40
N GLU B 273 -9.25 -20.99 20.40
CA GLU B 273 -9.05 -22.17 21.22
C GLU B 273 -9.91 -23.33 20.76
N ILE B 274 -9.37 -24.54 20.84
CA ILE B 274 -10.15 -25.72 20.51
C ILE B 274 -10.41 -26.58 21.74
N ILE B 275 -11.66 -26.57 22.19
CA ILE B 275 -12.11 -27.39 23.31
C ILE B 275 -12.39 -28.85 22.92
N PRO B 276 -11.81 -29.78 23.68
CA PRO B 276 -11.79 -31.22 23.36
C PRO B 276 -13.17 -31.89 23.26
N LEU B 284 -18.36 -33.39 16.02
CA LEU B 284 -18.95 -32.41 16.95
C LEU B 284 -17.93 -31.68 17.80
N ALA B 285 -17.11 -30.84 17.16
CA ALA B 285 -16.06 -30.09 17.84
C ALA B 285 -16.47 -28.69 18.28
N LEU B 286 -15.82 -28.19 19.33
CA LEU B 286 -16.06 -26.85 19.86
C LEU B 286 -14.90 -25.92 19.57
N VAL B 287 -15.16 -24.93 18.74
CA VAL B 287 -14.11 -24.01 18.35
C VAL B 287 -14.46 -22.63 18.86
N SER B 288 -13.54 -22.05 19.61
CA SER B 288 -13.68 -20.69 20.11
C SER B 288 -12.82 -19.68 19.36
N GLY B 289 -13.39 -18.51 19.10
CA GLY B 289 -12.58 -17.45 18.56
C GLY B 289 -13.30 -16.13 18.36
N LYS B 290 -12.68 -15.22 17.63
CA LYS B 290 -13.24 -13.90 17.41
C LYS B 290 -13.61 -13.78 15.95
N LEU B 291 -14.83 -13.35 15.65
CA LEU B 291 -15.21 -12.97 14.29
C LEU B 291 -14.55 -11.66 13.91
N GLU B 292 -13.83 -11.62 12.81
CA GLU B 292 -13.19 -10.39 12.38
C GLU B 292 -13.95 -9.73 11.23
N SER B 293 -15.05 -10.35 10.81
CA SER B 293 -15.80 -9.86 9.66
C SER B 293 -17.10 -10.58 9.46
N GLY B 294 -18.14 -9.85 9.02
CA GLY B 294 -19.42 -10.46 8.70
C GLY B 294 -20.19 -11.12 9.83
N SER B 295 -20.81 -12.25 9.53
CA SER B 295 -21.66 -12.93 10.50
C SER B 295 -21.76 -14.39 10.16
N ILE B 296 -22.19 -15.19 11.13
CA ILE B 296 -22.47 -16.60 10.91
C ILE B 296 -23.72 -16.98 11.70
N GLN B 297 -24.59 -17.80 11.11
CA GLN B 297 -25.75 -18.34 11.81
C GLN B 297 -25.71 -19.87 11.78
N PRO B 298 -26.34 -20.54 12.75
CA PRO B 298 -26.31 -21.99 12.75
C PRO B 298 -26.90 -22.48 11.45
N GLY B 299 -26.32 -23.54 10.90
CA GLY B 299 -26.70 -24.01 9.58
C GLY B 299 -25.74 -23.59 8.49
N GLU B 300 -25.27 -22.34 8.55
CA GLU B 300 -24.27 -21.86 7.60
C GLU B 300 -22.97 -22.67 7.70
N SER B 301 -22.13 -22.54 6.68
CA SER B 301 -20.87 -23.31 6.62
C SER B 301 -19.62 -22.45 6.61
N LEU B 302 -18.50 -23.05 7.01
CA LEU B 302 -17.22 -22.36 7.01
C LEU B 302 -16.09 -23.29 6.60
N THR B 303 -15.06 -22.74 5.96
CA THR B 303 -13.82 -23.46 5.73
C THR B 303 -12.70 -22.94 6.65
N ILE B 304 -11.91 -23.85 7.21
CA ILE B 304 -10.82 -23.49 8.10
C ILE B 304 -9.49 -23.64 7.40
N TYR B 305 -8.56 -22.72 7.63
CA TYR B 305 -7.26 -22.82 6.96
C TYR B 305 -6.17 -23.02 8.02
N PRO B 306 -5.09 -23.73 7.69
CA PRO B 306 -4.64 -24.25 6.40
C PRO B 306 -5.15 -25.64 6.04
N SER B 307 -5.84 -26.31 6.97
CA SER B 307 -6.35 -27.65 6.75
C SER B 307 -7.37 -27.69 5.60
N GLU B 308 -8.00 -26.58 5.31
CA GLU B 308 -9.01 -26.51 4.28
C GLU B 308 -10.18 -27.50 4.46
N GLN B 309 -10.65 -27.67 5.69
CA GLN B 309 -11.87 -28.43 5.93
C GLN B 309 -13.09 -27.55 5.91
N SER B 310 -14.20 -28.06 5.39
CA SER B 310 -15.44 -27.30 5.43
C SER B 310 -16.41 -27.93 6.40
N CYS B 311 -16.61 -27.23 7.51
CA CYS B 311 -17.52 -27.68 8.56
C CYS B 311 -18.85 -26.94 8.56
N ILE B 312 -19.81 -27.52 9.25
CA ILE B 312 -21.09 -26.88 9.41
C ILE B 312 -21.26 -26.50 10.86
N VAL B 313 -21.72 -25.28 11.08
CA VAL B 313 -21.87 -24.85 12.44
C VAL B 313 -23.30 -25.09 12.84
N ASP B 314 -23.52 -25.86 13.91
CA ASP B 314 -24.92 -26.08 14.29
C ASP B 314 -25.33 -25.45 15.63
N LYS B 315 -24.35 -25.01 16.41
CA LYS B 315 -24.62 -24.16 17.55
C LYS B 315 -23.58 -23.07 17.65
N ILE B 316 -24.02 -21.87 17.99
CA ILE B 316 -23.09 -20.79 18.31
C ILE B 316 -23.26 -20.43 19.77
N GLN B 317 -22.39 -20.97 20.61
CA GLN B 317 -22.40 -20.64 22.04
C GLN B 317 -21.68 -19.33 22.28
N VAL B 318 -22.11 -18.61 23.30
CA VAL B 318 -21.58 -17.30 23.60
C VAL B 318 -21.80 -17.00 25.07
N GLY B 319 -21.40 -15.82 25.53
CA GLY B 319 -21.49 -15.46 26.93
C GLY B 319 -20.30 -15.94 27.74
N SER B 320 -20.16 -15.45 28.97
CA SER B 320 -19.08 -15.88 29.83
C SER B 320 -18.99 -17.40 30.00
N GLN B 321 -20.14 -18.07 29.83
CA GLN B 321 -20.23 -19.52 29.93
C GLN B 321 -19.43 -20.17 28.78
N GLN B 322 -20.04 -20.27 27.61
CA GLN B 322 -19.31 -20.55 26.36
C GLN B 322 -18.40 -21.82 26.39
N GLY B 323 -18.32 -22.48 27.55
CA GLY B 323 -17.55 -23.70 27.69
C GLY B 323 -18.31 -24.67 28.57
N HIS B 328 -23.86 -22.53 27.82
CA HIS B 328 -25.29 -22.82 27.81
C HIS B 328 -26.11 -21.76 27.06
N GLU B 329 -25.58 -20.54 27.00
CA GLU B 329 -26.28 -19.46 26.29
C GLU B 329 -25.92 -19.52 24.81
N GLU B 330 -26.93 -19.34 23.94
CA GLU B 330 -26.72 -19.46 22.50
C GLU B 330 -27.39 -18.32 21.73
N THR B 331 -26.80 -17.92 20.62
CA THR B 331 -27.52 -17.04 19.71
C THR B 331 -27.69 -17.68 18.35
N ASP B 332 -28.48 -16.99 17.51
CA ASP B 332 -28.74 -17.42 16.15
C ASP B 332 -27.95 -16.55 15.19
N VAL B 333 -27.19 -15.62 15.74
CA VAL B 333 -26.36 -14.75 14.91
C VAL B 333 -25.18 -14.17 15.64
N ALA B 334 -23.98 -14.63 15.32
CA ALA B 334 -22.76 -13.96 15.72
C ALA B 334 -22.34 -12.98 14.61
N ILE B 335 -21.88 -11.79 14.98
CA ILE B 335 -21.45 -10.80 13.99
C ILE B 335 -20.05 -10.31 14.32
N LYS B 336 -19.45 -9.59 13.40
CA LYS B 336 -18.06 -9.18 13.55
C LYS B 336 -17.76 -8.61 14.95
N GLY B 337 -16.68 -9.05 15.55
CA GLY B 337 -16.31 -8.50 16.83
C GLY B 337 -16.65 -9.39 18.00
N ASP B 338 -17.74 -10.12 17.87
CA ASP B 338 -18.17 -11.12 18.85
C ASP B 338 -17.10 -12.19 19.18
N PHE B 339 -16.85 -12.44 20.46
CA PHE B 339 -16.12 -13.66 20.84
C PHE B 339 -17.13 -14.78 21.08
N VAL B 340 -16.98 -15.91 20.41
CA VAL B 340 -17.96 -16.98 20.49
C VAL B 340 -17.31 -18.34 20.36
N THR B 341 -18.13 -19.36 20.53
CA THR B 341 -17.71 -20.72 20.34
C THR B 341 -18.64 -21.34 19.34
N LEU B 342 -18.06 -21.94 18.31
CA LEU B 342 -18.85 -22.61 17.32
C LEU B 342 -18.85 -24.10 17.65
N LYS B 343 -20.02 -24.71 17.65
CA LYS B 343 -20.11 -26.15 17.79
C LYS B 343 -20.25 -26.67 16.36
N LEU B 344 -19.22 -27.37 15.89
CA LEU B 344 -19.09 -27.69 14.49
C LEU B 344 -19.37 -29.16 14.13
N ARG B 345 -20.07 -29.39 13.03
CA ARG B 345 -20.24 -30.73 12.49
C ARG B 345 -19.30 -30.91 11.32
N LYS B 346 -18.71 -32.10 11.21
CA LYS B 346 -17.79 -32.44 10.14
C LYS B 346 -16.43 -31.82 10.35
N ALA B 347 -16.05 -31.66 11.61
CA ALA B 347 -14.80 -31.00 11.95
C ALA B 347 -13.75 -32.00 12.44
N TYR B 348 -12.49 -31.78 12.10
CA TYR B 348 -11.45 -32.71 12.48
C TYR B 348 -10.35 -31.97 13.23
N PRO B 349 -10.55 -31.82 14.56
CA PRO B 349 -9.77 -31.05 15.53
C PRO B 349 -8.28 -31.27 15.46
N GLU B 350 -7.85 -32.44 15.02
CA GLU B 350 -6.42 -32.73 15.02
C GLU B 350 -5.70 -31.73 14.13
N ASP B 351 -6.42 -31.22 13.13
CA ASP B 351 -5.83 -30.39 12.09
C ASP B 351 -6.35 -28.98 12.16
N ILE B 352 -6.90 -28.65 13.33
CA ILE B 352 -7.21 -27.29 13.67
C ILE B 352 -6.26 -26.88 14.78
N GLN B 353 -5.91 -25.61 14.80
CA GLN B 353 -4.97 -25.10 15.80
C GLN B 353 -5.27 -23.65 16.07
N ASN B 354 -4.79 -23.16 17.22
CA ASN B 354 -4.95 -21.75 17.53
C ASN B 354 -4.34 -20.89 16.43
N GLY B 355 -5.01 -19.81 16.07
CA GLY B 355 -4.44 -18.93 15.08
C GLY B 355 -4.78 -19.30 13.65
N ASP B 356 -5.44 -20.44 13.50
CA ASP B 356 -6.04 -20.81 12.22
C ASP B 356 -7.10 -19.78 11.84
N LEU B 357 -7.62 -19.89 10.63
CA LEU B 357 -8.52 -18.89 10.09
C LEU B 357 -9.68 -19.56 9.36
N ALA B 358 -10.91 -19.21 9.74
CA ALA B 358 -12.08 -19.79 9.12
C ALA B 358 -12.73 -18.70 8.30
N ALA B 359 -13.37 -19.07 7.19
CA ALA B 359 -14.03 -18.06 6.39
C ALA B 359 -15.24 -18.63 5.71
N SER B 360 -16.04 -17.75 5.13
CA SER B 360 -17.07 -18.14 4.18
C SER B 360 -16.52 -19.17 3.20
N VAL B 361 -17.37 -20.09 2.77
CA VAL B 361 -16.91 -21.12 1.83
C VAL B 361 -16.59 -20.55 0.46
N ASP B 362 -17.24 -19.45 0.10
CA ASP B 362 -17.00 -18.81 -1.20
C ASP B 362 -15.95 -17.71 -1.14
N TYR B 363 -15.23 -17.64 -0.03
CA TYR B 363 -14.19 -16.61 0.13
C TYR B 363 -12.84 -17.22 -0.18
N SER B 364 -12.17 -16.66 -1.17
CA SER B 364 -10.95 -17.27 -1.66
C SER B 364 -9.72 -16.40 -1.59
N SER B 365 -9.48 -15.73 -0.46
CA SER B 365 -8.33 -14.82 -0.35
C SER B 365 -7.35 -15.23 0.74
N ILE B 366 -7.72 -16.20 1.55
CA ILE B 366 -6.77 -16.72 2.52
C ILE B 366 -5.81 -17.67 1.81
N HIS B 367 -4.52 -17.54 2.07
CA HIS B 367 -3.53 -18.39 1.39
C HIS B 367 -2.38 -18.74 2.31
N SER B 368 -1.70 -19.83 2.02
CA SER B 368 -0.50 -20.15 2.78
C SER B 368 0.75 -19.88 1.92
N ALA B 369 1.88 -19.52 2.54
CA ALA B 369 3.06 -19.21 1.73
C ALA B 369 4.40 -19.34 2.44
N GLN B 370 5.43 -19.49 1.62
CA GLN B 370 6.83 -19.36 2.06
C GLN B 370 7.21 -17.89 1.97
N CYS B 371 6.84 -17.27 0.85
CA CYS B 371 7.25 -15.91 0.56
C CYS B 371 6.03 -15.00 0.51
N PHE B 372 6.16 -13.78 1.01
CA PHE B 372 5.17 -12.75 0.79
C PHE B 372 5.83 -11.39 0.89
N VAL B 373 5.15 -10.34 0.44
CA VAL B 373 5.75 -9.04 0.48
C VAL B 373 5.19 -8.27 1.62
N LEU B 374 6.06 -7.59 2.37
CA LEU B 374 5.65 -6.69 3.45
C LEU B 374 5.87 -5.24 3.05
N GLU B 375 4.85 -4.42 3.24
CA GLU B 375 5.04 -2.97 3.32
C GLU B 375 5.55 -2.69 4.73
N LEU B 376 6.87 -2.56 4.86
CA LEU B 376 7.56 -2.62 6.15
C LEU B 376 7.94 -1.24 6.65
N THR B 377 7.66 -1.01 7.93
CA THR B 377 8.03 0.24 8.55
C THR B 377 8.95 -0.09 9.69
N THR B 378 10.09 0.59 9.75
CA THR B 378 11.17 0.16 10.60
C THR B 378 11.47 1.14 11.73
N PHE B 379 11.71 0.62 12.93
CA PHE B 379 12.00 1.45 14.07
C PHE B 379 13.53 1.61 14.25
N ASP B 380 13.98 1.82 15.49
CA ASP B 380 15.40 1.91 15.76
C ASP B 380 16.00 0.52 15.97
N MSE B 381 16.84 0.08 15.04
CA MSE B 381 17.50 -1.22 15.16
C MSE B 381 19.01 -1.09 15.37
O MSE B 381 19.61 -0.08 14.98
CB MSE B 381 17.23 -2.05 13.90
CG MSE B 381 15.76 -2.00 13.45
SE MSE B 381 15.46 -2.66 11.65
CE MSE B 381 16.55 -1.36 10.69
N ASN B 382 19.62 -2.10 15.99
CA ASN B 382 21.09 -2.12 16.14
C ASN B 382 21.80 -2.20 14.80
N ARG B 383 21.43 -3.20 14.00
CA ARG B 383 22.00 -3.39 12.70
C ARG B 383 20.93 -3.17 11.62
N PRO B 384 21.34 -2.85 10.38
CA PRO B 384 20.36 -2.67 9.32
C PRO B 384 19.90 -4.04 8.87
N LEU B 385 18.81 -4.09 8.11
CA LEU B 385 18.32 -5.35 7.55
C LEU B 385 18.98 -5.59 6.19
N LEU B 386 19.37 -6.83 5.94
CA LEU B 386 19.96 -7.19 4.68
C LEU B 386 19.27 -8.41 4.13
N PRO B 387 19.40 -8.64 2.81
CA PRO B 387 18.93 -9.90 2.27
C PRO B 387 19.51 -11.03 3.11
N GLY B 388 18.65 -11.90 3.65
CA GLY B 388 19.08 -13.05 4.42
C GLY B 388 18.95 -12.86 5.92
N THR B 389 18.91 -11.60 6.36
CA THR B 389 18.78 -11.30 7.78
C THR B 389 17.56 -12.01 8.35
N PRO B 390 17.75 -12.90 9.34
CA PRO B 390 16.56 -13.56 9.87
C PRO B 390 15.95 -12.76 11.04
N PHE B 391 14.74 -13.13 11.44
CA PHE B 391 14.04 -12.51 12.54
C PHE B 391 12.86 -13.39 12.87
N ILE B 392 12.07 -13.01 13.85
CA ILE B 392 10.85 -13.71 14.15
C ILE B 392 9.66 -12.85 13.74
N LEU B 393 8.79 -13.46 12.96
CA LEU B 393 7.58 -12.80 12.52
C LEU B 393 6.50 -13.08 13.54
N PHE B 394 5.88 -12.03 14.05
CA PHE B 394 4.71 -12.21 14.90
C PHE B 394 3.47 -11.86 14.08
N ILE B 395 2.43 -12.68 14.22
CA ILE B 395 1.25 -12.48 13.39
C ILE B 395 0.04 -13.13 14.04
N GLY B 396 -0.96 -12.32 14.34
CA GLY B 396 -2.02 -12.81 15.22
C GLY B 396 -1.44 -13.44 16.47
N VAL B 397 -1.88 -14.64 16.79
CA VAL B 397 -1.46 -15.31 18.01
C VAL B 397 -0.39 -16.33 17.73
N LYS B 398 0.18 -16.25 16.51
CA LYS B 398 1.22 -17.15 16.06
C LYS B 398 2.55 -16.42 15.99
N GLU B 399 3.65 -17.15 16.16
CA GLU B 399 4.97 -16.57 15.91
C GLU B 399 5.73 -17.52 14.98
N GLN B 400 6.72 -17.02 14.26
CA GLN B 400 7.36 -17.80 13.21
C GLN B 400 8.69 -17.23 12.78
N PRO B 401 9.72 -18.06 12.69
CA PRO B 401 11.00 -17.52 12.23
C PRO B 401 10.93 -17.20 10.74
N ALA B 402 11.70 -16.22 10.30
CA ALA B 402 11.74 -15.88 8.89
C ALA B 402 12.95 -15.02 8.56
N ARG B 403 13.17 -14.80 7.26
CA ARG B 403 14.27 -13.96 6.85
C ARG B 403 13.84 -13.06 5.71
N ILE B 404 14.50 -11.92 5.60
CA ILE B 404 14.33 -11.07 4.43
C ILE B 404 14.85 -11.87 3.29
N LYS B 405 14.16 -11.83 2.18
CA LYS B 405 14.65 -12.52 1.02
C LYS B 405 15.08 -11.43 0.06
N ARG B 406 14.23 -10.43 -0.10
CA ARG B 406 14.54 -9.31 -0.98
C ARG B 406 14.25 -7.98 -0.34
N LEU B 407 15.11 -7.01 -0.63
CA LEU B 407 14.81 -5.63 -0.37
C LEU B 407 14.40 -5.11 -1.70
N ILE B 408 13.11 -4.82 -1.83
CA ILE B 408 12.54 -4.47 -3.12
C ILE B 408 12.59 -3.00 -3.51
N SER B 409 12.48 -2.10 -2.54
CA SER B 409 12.47 -0.68 -2.85
C SER B 409 12.05 0.16 -1.67
N PHE B 410 12.65 1.33 -1.55
CA PHE B 410 12.24 2.27 -0.53
C PHE B 410 10.87 2.78 -0.87
N ILE B 411 10.22 3.40 0.10
CA ILE B 411 8.96 4.07 -0.13
C ILE B 411 9.20 5.55 0.14
N ASP B 412 9.27 6.35 -0.91
CA ASP B 412 9.46 7.79 -0.73
C ASP B 412 8.16 8.41 -0.18
N LYS B 413 7.30 8.94 -1.03
CA LYS B 413 6.11 9.61 -0.51
C LYS B 413 4.80 8.92 -0.85
N GLY B 414 3.81 9.16 0.01
CA GLY B 414 2.56 8.43 -0.06
C GLY B 414 2.83 6.94 0.01
N ASN B 415 2.88 6.32 -1.16
CA ASN B 415 3.09 4.89 -1.25
C ASN B 415 3.98 4.55 -2.44
N THR B 416 4.63 5.57 -3.02
CA THR B 416 5.46 5.38 -4.21
C THR B 416 6.77 4.64 -3.94
N ALA B 417 7.15 3.81 -4.90
CA ALA B 417 8.36 3.01 -4.79
C ALA B 417 9.62 3.74 -5.29
N SER B 418 10.23 4.54 -4.42
CA SER B 418 11.43 5.33 -4.73
C SER B 418 12.39 4.60 -5.65
N LYS B 419 12.86 5.31 -6.68
CA LYS B 419 13.80 4.76 -7.66
C LYS B 419 15.22 4.66 -7.07
N LYS B 420 15.38 5.17 -5.85
CA LYS B 420 16.65 5.10 -5.12
C LYS B 420 16.99 3.65 -4.79
N LYS B 421 18.18 3.23 -5.16
CA LYS B 421 18.55 1.84 -5.00
C LYS B 421 18.82 1.52 -3.53
N ILE B 422 18.51 0.28 -3.14
CA ILE B 422 18.40 -0.09 -1.74
C ILE B 422 19.17 -1.35 -1.44
N ARG B 423 20.34 -1.20 -0.83
CA ARG B 423 21.20 -2.35 -0.58
C ARG B 423 21.03 -2.84 0.85
N HIS B 424 20.47 -1.96 1.68
CA HIS B 424 20.22 -2.29 3.08
C HIS B 424 19.15 -1.37 3.62
N LEU B 425 18.35 -1.92 4.53
CA LEU B 425 17.23 -1.20 5.13
C LEU B 425 17.63 -0.81 6.54
N GLY B 426 17.68 0.50 6.81
CA GLY B 426 18.16 0.98 8.11
C GLY B 426 17.02 1.40 9.02
N SER B 427 17.35 2.04 10.14
CA SER B 427 16.34 2.46 11.11
C SER B 427 15.45 3.59 10.62
N LYS B 428 14.24 3.67 11.16
CA LYS B 428 13.31 4.76 10.91
C LYS B 428 13.04 4.98 9.43
N GLN B 429 12.99 3.88 8.67
CA GLN B 429 12.61 3.93 7.25
C GLN B 429 11.44 3.01 6.89
N ARG B 430 11.00 3.09 5.65
CA ARG B 430 9.90 2.28 5.18
C ARG B 430 10.25 1.74 3.82
N ALA B 431 9.98 0.47 3.57
CA ALA B 431 10.31 -0.13 2.29
C ALA B 431 9.40 -1.31 1.99
N PHE B 432 9.23 -1.63 0.72
CA PHE B 432 8.63 -2.90 0.35
C PHE B 432 9.68 -4.01 0.39
N VAL B 433 9.33 -5.11 1.04
CA VAL B 433 10.32 -6.11 1.34
C VAL B 433 9.75 -7.51 1.06
N GLU B 434 10.58 -8.46 0.65
CA GLU B 434 10.07 -9.83 0.45
C GLU B 434 10.62 -10.72 1.55
N ILE B 435 9.72 -11.39 2.23
CA ILE B 435 10.02 -12.17 3.41
C ILE B 435 9.94 -13.64 3.03
N GLU B 436 10.71 -14.48 3.71
CA GLU B 436 10.64 -15.92 3.48
C GLU B 436 10.61 -16.61 4.82
N LEU B 437 9.71 -17.57 4.98
CA LEU B 437 9.57 -18.28 6.25
C LEU B 437 10.61 -19.37 6.29
N ILE B 438 11.18 -19.64 7.45
CA ILE B 438 12.14 -20.72 7.57
C ILE B 438 11.75 -21.72 8.66
N GLU B 439 12.16 -22.98 8.46
CA GLU B 439 11.81 -24.01 9.40
C GLU B 439 10.30 -24.00 9.62
N VAL B 440 9.54 -24.11 8.53
CA VAL B 440 8.10 -24.13 8.67
C VAL B 440 7.65 -25.53 9.04
N LYS B 441 7.02 -25.66 10.20
CA LYS B 441 6.50 -26.95 10.61
C LYS B 441 5.09 -27.14 10.03
N ARG B 442 4.41 -26.04 9.79
CA ARG B 442 3.01 -26.06 9.41
C ARG B 442 2.71 -24.75 8.74
N TRP B 443 1.91 -24.75 7.68
CA TRP B 443 1.59 -23.52 6.97
C TRP B 443 0.82 -22.53 7.82
N ILE B 444 1.18 -21.26 7.70
CA ILE B 444 0.40 -20.19 8.29
C ILE B 444 -0.56 -19.62 7.24
N PRO B 445 -1.86 -19.57 7.56
CA PRO B 445 -2.85 -18.90 6.72
C PRO B 445 -2.56 -17.40 6.74
N LEU B 446 -2.60 -16.74 5.59
CA LEU B 446 -2.31 -15.32 5.51
C LEU B 446 -3.39 -14.62 4.73
N LEU B 447 -3.67 -13.38 5.14
CA LEU B 447 -4.59 -12.49 4.45
C LEU B 447 -3.85 -11.19 4.22
N THR B 448 -4.01 -10.59 3.05
CA THR B 448 -3.32 -9.30 2.83
C THR B 448 -4.07 -8.20 3.52
N ALA B 449 -3.34 -7.17 3.94
CA ALA B 449 -3.97 -6.09 4.68
C ALA B 449 -4.95 -5.27 3.84
N HIS B 450 -4.93 -5.39 2.52
CA HIS B 450 -6.07 -4.79 1.81
C HIS B 450 -7.35 -5.55 2.02
N GLU B 451 -7.25 -6.86 2.16
CA GLU B 451 -8.44 -7.68 2.32
C GLU B 451 -9.04 -7.44 3.68
N ASN B 452 -8.17 -7.21 4.66
CA ASN B 452 -8.60 -6.97 6.01
C ASN B 452 -7.45 -6.33 6.76
N ASP B 453 -7.72 -5.17 7.35
CA ASP B 453 -6.65 -4.33 7.86
C ASP B 453 -6.01 -4.87 9.12
N ARG B 454 -6.78 -5.65 9.87
CA ARG B 454 -6.34 -6.14 11.17
C ARG B 454 -5.49 -7.37 10.99
N LEU B 455 -6.07 -8.36 10.33
CA LEU B 455 -5.45 -9.67 10.15
C LEU B 455 -4.22 -9.56 9.26
N GLY B 456 -4.12 -8.48 8.50
CA GLY B 456 -3.03 -8.30 7.56
C GLY B 456 -1.76 -7.65 8.08
N ARG B 457 -1.62 -7.54 9.39
CA ARG B 457 -0.45 -6.88 9.97
C ARG B 457 0.46 -7.84 10.68
N VAL B 458 1.74 -7.53 10.71
CA VAL B 458 2.72 -8.37 11.38
C VAL B 458 3.80 -7.55 12.07
N VAL B 459 4.28 -8.04 13.19
CA VAL B 459 5.35 -7.37 13.88
C VAL B 459 6.63 -8.19 13.81
N LEU B 460 7.74 -7.52 13.48
CA LEU B 460 9.02 -8.21 13.36
C LEU B 460 9.89 -7.92 14.58
N ARG B 461 10.45 -8.97 15.15
CA ARG B 461 11.42 -8.81 16.22
C ARG B 461 12.68 -9.58 15.88
N LYS B 462 13.84 -9.04 16.25
CA LYS B 462 15.05 -9.88 16.31
C LYS B 462 15.98 -9.58 17.48
N ASP B 463 16.49 -10.66 18.06
CA ASP B 463 17.30 -10.61 19.29
C ASP B 463 16.55 -9.85 20.37
N GLY B 464 15.33 -10.29 20.64
CA GLY B 464 14.53 -9.70 21.70
C GLY B 464 14.08 -8.26 21.49
N ARG B 465 14.40 -7.62 20.38
CA ARG B 465 13.95 -6.23 20.19
C ARG B 465 12.95 -6.08 19.05
N THR B 466 11.83 -5.44 19.32
CA THR B 466 10.87 -5.14 18.28
C THR B 466 11.57 -4.22 17.27
N ILE B 467 11.76 -4.71 16.04
CA ILE B 467 12.53 -3.97 15.05
C ILE B 467 11.69 -3.30 13.97
N ALA B 468 10.52 -3.87 13.67
CA ALA B 468 9.70 -3.32 12.60
C ALA B 468 8.26 -3.83 12.54
N ALA B 469 7.41 -3.04 11.92
CA ALA B 469 6.04 -3.43 11.69
C ALA B 469 5.83 -3.60 10.20
N GLY B 470 4.87 -4.41 9.81
CA GLY B 470 4.59 -4.58 8.41
C GLY B 470 3.12 -4.81 8.12
N LYS B 471 2.70 -4.41 6.90
CA LYS B 471 1.39 -4.77 6.36
C LYS B 471 1.64 -5.75 5.24
N ILE B 472 0.86 -6.82 5.17
CA ILE B 472 1.06 -7.82 4.12
C ILE B 472 0.45 -7.31 2.82
N SER B 473 1.31 -7.10 1.83
CA SER B 473 0.90 -6.40 0.62
C SER B 473 0.56 -7.35 -0.51
N GLU B 474 1.15 -8.50 -0.49
CA GLU B 474 0.99 -9.38 -1.61
C GLU B 474 1.49 -10.70 -1.16
N ILE B 475 0.85 -11.76 -1.65
CA ILE B 475 1.26 -13.10 -1.28
C ILE B 475 1.77 -13.89 -2.46
N THR B 476 3.05 -14.25 -2.41
CA THR B 476 3.71 -15.05 -3.45
C THR B 476 3.52 -16.57 -3.24
N GLN B 477 2.23 -16.94 -3.10
CA GLN B 477 1.70 -18.29 -2.77
C GLN B 477 2.57 -19.52 -3.09
PB GDP C . 0.10 23.31 -31.13
O1B GDP C . -0.56 23.32 -29.77
O2B GDP C . 1.17 22.23 -31.19
O3B GDP C . -0.95 23.14 -32.22
O3A GDP C . 0.85 24.72 -31.34
PA GDP C . 1.08 25.38 -32.77
O1A GDP C . 2.51 25.85 -32.96
O2A GDP C . 0.73 24.41 -33.88
O5' GDP C . -0.07 26.53 -32.69
C5' GDP C . -0.14 27.50 -31.64
C4' GDP C . -0.42 28.86 -32.26
O4' GDP C . 0.30 29.85 -31.50
C3' GDP C . 0.18 28.90 -33.66
O3' GDP C . -0.46 29.90 -34.46
C2' GDP C . 1.62 29.25 -33.36
O2' GDP C . 2.34 29.72 -34.51
C1' GDP C . 1.48 30.26 -32.22
N9 GDP C . 2.68 30.32 -31.34
C8 GDP C . 3.50 29.31 -31.02
N7 GDP C . 4.52 29.72 -30.21
C5 GDP C . 4.34 31.04 -29.99
C6 GDP C . 5.03 32.12 -29.23
O6 GDP C . 6.06 31.88 -28.57
N1 GDP C . 4.53 33.36 -29.26
C2 GDP C . 3.43 33.65 -29.98
N2 GDP C . 2.97 34.93 -29.97
N3 GDP C . 2.73 32.72 -30.70
C4 GDP C . 3.13 31.43 -30.74
PB GDP D . 0.22 -2.89 37.99
O1B GDP D . 0.92 -1.87 37.11
O2B GDP D . -0.78 -3.67 37.16
O3B GDP D . 1.21 -3.81 38.67
O3A GDP D . -0.63 -2.06 39.05
PA GDP D . -0.72 -2.51 40.57
O1A GDP D . -2.09 -2.15 41.08
O2A GDP D . -0.45 -3.99 40.77
O5' GDP D . 0.50 -1.63 41.16
C5' GDP D . 0.57 -0.20 41.06
C4' GDP D . 0.78 0.34 42.47
O4' GDP D . 0.15 1.61 42.61
C3' GDP D . 0.13 -0.62 43.45
O3' GDP D . 0.97 -0.79 44.60
C2' GDP D . -1.16 0.07 43.82
O2' GDP D . -1.58 -0.29 45.15
C1' GDP D . -0.88 1.56 43.60
N9 GDP D . -2.08 2.27 43.09
C8 GDP D . -3.03 1.76 42.29
N7 GDP D . -3.98 2.68 42.00
C5 GDP D . -3.64 3.83 42.61
C6 GDP D . -4.20 5.19 42.71
O6 GDP D . -5.26 5.50 42.13
N1 GDP D . -3.55 6.10 43.44
C2 GDP D . -2.40 5.80 44.08
N2 GDP D . -1.78 6.76 44.81
N3 GDP D . -1.82 4.58 44.03
C4 GDP D . -2.38 3.56 43.32
#